data_1FAT
#
_entry.id   1FAT
#
_cell.length_a   106.300
_cell.length_b   121.200
_cell.length_c   90.800
_cell.angle_alpha   90.00
_cell.angle_beta   93.70
_cell.angle_gamma   90.00
#
_symmetry.space_group_name_H-M   'C 1 2 1'
#
loop_
_entity.id
_entity.type
_entity.pdbx_description
1 polymer PHYTOHEMAGGLUTININ-L
2 non-polymer 2-acetamido-2-deoxy-beta-D-glucopyranose
3 non-polymer 'MANGANESE (II) ION'
4 non-polymer 'CALCIUM ION'
5 water water
#
_entity_poly.entity_id   1
_entity_poly.type   'polypeptide(L)'
_entity_poly.pdbx_seq_one_letter_code
;SNDIYFNFQRFNETNLILQRDASVSSSGQLRLTNLNGNGEPRVGSLGRAFYSAPIQIWDNTTGTVASFATSFTFNIQVPN
NAGPADGLAFALVPVGSQPKDKGGFLGLFDGSNSNFHTVAVEFDTLYNKDWDPTERHIGIDVNSIRSIKTTRWDFVNGEN
AEVLITYDSSTNLLVASLVYPSQKTSFIVSDTVDLKSVLPEWVSVGFSATTGINKGNVETNDVLSWSFASKLSDETTSEG
LNLANLVLNKIL
;
_entity_poly.pdbx_strand_id   A,B,C,D
#
loop_
_chem_comp.id
_chem_comp.type
_chem_comp.name
_chem_comp.formula
CA non-polymer 'CALCIUM ION' 'Ca 2'
MN non-polymer 'MANGANESE (II) ION' 'Mn 2'
NAG D-saccharide, beta linking 2-acetamido-2-deoxy-beta-D-glucopyranose 'C8 H15 N O6'
#
# COMPACT_ATOMS: atom_id res chain seq x y z
N SER A 1 -7.35 -0.16 12.63
CA SER A 1 -6.18 -0.72 11.92
C SER A 1 -4.96 -0.84 12.84
N ASN A 2 -4.29 -1.98 12.74
CA ASN A 2 -3.08 -2.23 13.51
C ASN A 2 -2.38 -3.19 12.60
N ASP A 3 -1.96 -2.58 11.49
CA ASP A 3 -1.34 -3.22 10.38
C ASP A 3 0.13 -3.58 10.49
N ILE A 4 0.50 -4.51 9.64
CA ILE A 4 1.86 -5.00 9.52
C ILE A 4 1.97 -5.50 8.06
N TYR A 5 3.17 -5.38 7.53
CA TYR A 5 3.43 -5.81 6.18
C TYR A 5 4.92 -5.89 5.99
N PHE A 6 5.36 -6.92 5.30
CA PHE A 6 6.75 -7.05 5.02
C PHE A 6 6.89 -7.87 3.82
N ASN A 7 8.06 -7.81 3.22
CA ASN A 7 8.29 -8.53 2.00
C ASN A 7 9.76 -8.72 1.80
N PHE A 8 10.19 -9.97 1.85
CA PHE A 8 11.59 -10.26 1.67
C PHE A 8 11.82 -10.90 0.34
N GLN A 9 12.60 -10.27 -0.51
CA GLN A 9 12.93 -10.89 -1.78
C GLN A 9 14.25 -11.63 -1.63
N ARG A 10 14.83 -11.56 -0.43
CA ARG A 10 16.07 -12.25 -0.13
C ARG A 10 16.19 -12.25 1.38
N PHE A 11 16.47 -13.41 1.94
CA PHE A 11 16.53 -13.63 3.39
C PHE A 11 17.86 -13.33 4.06
N ASN A 12 17.77 -12.93 5.33
CA ASN A 12 18.91 -12.63 6.15
C ASN A 12 18.45 -13.07 7.53
N GLU A 13 19.34 -13.71 8.24
CA GLU A 13 19.00 -14.20 9.53
C GLU A 13 18.81 -13.19 10.62
N THR A 14 18.95 -11.90 10.37
CA THR A 14 18.85 -11.03 11.54
C THR A 14 17.48 -10.71 12.03
N ASN A 15 16.48 -10.84 11.16
CA ASN A 15 15.07 -10.60 11.58
C ASN A 15 14.23 -11.91 11.51
N LEU A 16 14.89 -13.04 11.70
CA LEU A 16 14.33 -14.35 11.64
C LEU A 16 14.68 -15.12 12.87
N ILE A 17 13.78 -16.02 13.29
CA ILE A 17 14.03 -16.91 14.42
C ILE A 17 14.22 -18.27 13.76
N LEU A 18 15.41 -18.87 13.84
CA LEU A 18 15.66 -20.15 13.19
C LEU A 18 15.75 -21.23 14.23
N GLN A 19 15.10 -22.36 13.93
CA GLN A 19 15.11 -23.47 14.84
C GLN A 19 15.60 -24.72 14.14
N ARG A 20 16.47 -25.43 14.84
CA ARG A 20 17.08 -26.64 14.37
C ARG A 20 17.88 -26.43 13.12
N ASP A 21 17.62 -27.19 12.06
CA ASP A 21 18.42 -27.12 10.83
C ASP A 21 18.14 -25.96 9.88
N ALA A 22 17.21 -25.09 10.26
CA ALA A 22 16.88 -23.96 9.41
C ALA A 22 18.10 -23.09 9.31
N SER A 23 18.31 -22.48 8.14
CA SER A 23 19.46 -21.62 7.89
C SER A 23 19.25 -20.75 6.64
N VAL A 24 19.96 -19.61 6.57
CA VAL A 24 19.84 -18.76 5.38
C VAL A 24 21.13 -18.91 4.57
N SER A 25 21.00 -19.27 3.31
CA SER A 25 22.18 -19.47 2.49
C SER A 25 22.81 -18.15 2.13
N SER A 26 24.03 -18.26 1.65
CA SER A 26 24.82 -17.12 1.21
C SER A 26 24.09 -16.39 0.10
N SER A 27 23.16 -17.06 -0.55
CA SER A 27 22.40 -16.43 -1.63
C SER A 27 21.08 -15.89 -1.11
N GLY A 28 20.90 -15.91 0.21
CA GLY A 28 19.69 -15.39 0.82
C GLY A 28 18.42 -16.21 0.62
N GLN A 29 18.57 -17.53 0.69
CA GLN A 29 17.42 -18.40 0.54
C GLN A 29 17.21 -19.02 1.91
N LEU A 30 15.95 -19.10 2.32
CA LEU A 30 15.66 -19.71 3.60
C LEU A 30 15.66 -21.20 3.31
N ARG A 31 16.63 -21.90 3.88
CA ARG A 31 16.71 -23.34 3.66
C ARG A 31 16.24 -24.02 4.95
N LEU A 32 15.01 -24.53 4.94
CA LEU A 32 14.43 -25.16 6.14
C LEU A 32 15.05 -26.48 6.62
N THR A 33 15.68 -27.22 5.71
CA THR A 33 16.31 -28.47 6.08
C THR A 33 17.76 -28.65 5.56
N ASN A 34 18.51 -29.45 6.31
CA ASN A 34 19.90 -29.82 6.06
C ASN A 34 20.30 -30.52 4.79
N LEU A 35 21.61 -30.71 4.72
CA LEU A 35 22.27 -31.41 3.61
C LEU A 35 23.40 -32.29 4.16
N ASN A 36 24.25 -32.77 3.26
CA ASN A 36 25.35 -33.63 3.63
C ASN A 36 26.46 -33.51 2.58
N ASN A 38 28.16 -33.96 0.24
CA ASN A 38 27.50 -34.49 -0.98
C ASN A 38 26.56 -33.45 -1.56
N GLY A 39 25.69 -32.93 -0.71
CA GLY A 39 24.75 -31.93 -1.15
C GLY A 39 23.42 -32.64 -1.35
N GLU A 40 23.20 -33.61 -0.48
CA GLU A 40 21.99 -34.39 -0.52
C GLU A 40 21.15 -34.09 0.71
N PRO A 41 19.84 -34.03 0.53
CA PRO A 41 18.99 -33.75 1.66
C PRO A 41 19.25 -34.72 2.81
N ARG A 42 19.56 -34.20 3.98
CA ARG A 42 19.82 -35.05 5.13
C ARG A 42 18.54 -35.75 5.59
N VAL A 43 18.69 -36.97 6.09
CA VAL A 43 17.55 -37.73 6.56
C VAL A 43 17.20 -37.28 7.95
N GLY A 44 15.91 -37.28 8.26
CA GLY A 44 15.48 -36.90 9.60
C GLY A 44 15.73 -35.44 9.92
N SER A 45 15.70 -34.59 8.91
CA SER A 45 15.93 -33.18 9.13
C SER A 45 14.64 -32.49 9.57
N LEU A 46 14.77 -31.45 10.40
CA LEU A 46 13.65 -30.68 10.92
C LEU A 46 14.13 -29.25 11.04
N GLY A 47 13.44 -28.32 10.39
CA GLY A 47 13.84 -26.92 10.52
C GLY A 47 12.64 -25.96 10.50
N ARG A 48 12.61 -25.01 11.42
CA ARG A 48 11.53 -24.04 11.43
C ARG A 48 12.12 -22.62 11.39
N ALA A 49 11.38 -21.66 10.83
CA ALA A 49 11.84 -20.26 10.73
C ALA A 49 10.68 -19.33 10.87
N PHE A 50 10.81 -18.32 11.71
CA PHE A 50 9.72 -17.37 11.89
C PHE A 50 10.20 -15.91 11.80
N TYR A 51 9.30 -15.01 11.50
CA TYR A 51 9.64 -13.61 11.45
C TYR A 51 9.76 -13.23 12.90
N SER A 52 10.80 -12.48 13.25
CA SER A 52 11.08 -12.09 14.64
C SER A 52 10.08 -11.23 15.41
N ALA A 53 9.19 -10.50 14.78
CA ALA A 53 8.26 -9.73 15.61
C ALA A 53 6.95 -10.48 15.64
N PRO A 54 6.39 -10.64 16.83
CA PRO A 54 5.11 -11.31 17.04
C PRO A 54 4.08 -10.52 16.30
N ILE A 55 3.05 -11.19 15.80
CA ILE A 55 1.95 -10.56 15.09
C ILE A 55 0.74 -10.74 15.96
N GLN A 56 -0.11 -9.73 16.00
CA GLN A 56 -1.31 -9.89 16.80
C GLN A 56 -2.38 -10.36 15.83
N ILE A 57 -2.83 -11.61 16.02
CA ILE A 57 -3.85 -12.20 15.16
C ILE A 57 -5.29 -11.85 15.55
N TRP A 58 -5.53 -11.60 16.84
CA TRP A 58 -6.84 -11.18 17.28
C TRP A 58 -6.76 -10.49 18.65
N ASP A 59 -7.84 -9.85 19.03
CA ASP A 59 -7.89 -9.12 20.26
C ASP A 59 -9.06 -9.51 21.14
N ASN A 60 -8.78 -9.98 22.35
CA ASN A 60 -9.88 -10.41 23.20
C ASN A 60 -10.70 -9.26 23.72
N THR A 61 -10.09 -8.10 23.86
CA THR A 61 -10.83 -6.96 24.39
C THR A 61 -11.82 -6.36 23.42
N THR A 62 -11.48 -6.37 22.15
CA THR A 62 -12.36 -5.83 21.13
C THR A 62 -13.12 -6.96 20.47
N GLY A 63 -12.61 -8.18 20.64
CA GLY A 63 -13.22 -9.35 20.04
C GLY A 63 -13.01 -9.42 18.53
N THR A 64 -12.04 -8.68 18.03
CA THR A 64 -11.77 -8.67 16.59
C THR A 64 -10.65 -9.62 16.14
N VAL A 65 -10.71 -10.01 14.86
CA VAL A 65 -9.69 -10.89 14.32
C VAL A 65 -9.12 -10.20 13.09
N ALA A 66 -7.87 -10.52 12.79
CA ALA A 66 -7.20 -9.89 11.68
C ALA A 66 -7.39 -10.62 10.42
N SER A 67 -7.35 -9.91 9.31
CA SER A 67 -7.40 -10.60 8.04
C SER A 67 -5.93 -10.65 7.70
N PHE A 68 -5.53 -11.58 6.86
CA PHE A 68 -4.16 -11.61 6.48
C PHE A 68 -3.96 -12.28 5.16
N ALA A 69 -2.75 -12.19 4.63
CA ALA A 69 -2.43 -12.80 3.37
C ALA A 69 -0.95 -12.97 3.40
N THR A 70 -0.46 -13.95 2.66
CA THR A 70 0.95 -14.18 2.63
C THR A 70 1.20 -14.87 1.31
N SER A 71 2.42 -14.80 0.81
CA SER A 71 2.72 -15.45 -0.44
C SER A 71 4.18 -15.77 -0.37
N PHE A 72 4.55 -16.89 -0.93
CA PHE A 72 5.92 -17.31 -0.91
C PHE A 72 6.18 -18.28 -2.05
N THR A 73 7.46 -18.45 -2.37
CA THR A 73 7.86 -19.28 -3.46
C THR A 73 8.78 -20.26 -2.90
N PHE A 74 8.48 -21.52 -3.09
CA PHE A 74 9.34 -22.51 -2.52
C PHE A 74 9.72 -23.45 -3.59
N ASN A 75 10.77 -24.18 -3.30
CA ASN A 75 11.27 -25.13 -4.25
C ASN A 75 11.66 -26.39 -3.49
N ILE A 76 11.02 -27.51 -3.86
CA ILE A 76 11.32 -28.82 -3.24
C ILE A 76 11.99 -29.69 -4.31
N GLN A 77 13.17 -30.21 -3.99
CA GLN A 77 13.92 -31.03 -4.93
C GLN A 77 14.27 -32.39 -4.35
N VAL A 78 13.89 -33.44 -5.06
CA VAL A 78 14.20 -34.78 -4.58
C VAL A 78 15.37 -35.32 -5.36
N PRO A 79 16.36 -35.88 -4.65
CA PRO A 79 17.53 -36.43 -5.34
C PRO A 79 17.15 -37.67 -6.15
N ASN A 80 17.92 -37.96 -7.19
CA ASN A 80 17.68 -39.12 -8.03
C ASN A 80 17.62 -40.42 -7.23
N ASN A 81 16.67 -41.25 -7.63
CA ASN A 81 16.48 -42.54 -6.97
C ASN A 81 16.33 -42.26 -5.49
N ALA A 82 15.21 -41.57 -5.21
CA ALA A 82 14.75 -41.19 -3.87
C ALA A 82 13.32 -40.68 -4.06
N GLY A 83 12.61 -40.55 -2.95
CA GLY A 83 11.24 -40.08 -3.01
C GLY A 83 11.02 -38.92 -2.06
N PRO A 84 10.07 -38.03 -2.39
CA PRO A 84 9.72 -36.86 -1.60
C PRO A 84 9.30 -37.28 -0.23
N ALA A 85 9.70 -36.51 0.74
CA ALA A 85 9.31 -36.74 2.11
C ALA A 85 9.99 -35.60 2.86
N ASP A 86 9.33 -35.03 3.85
CA ASP A 86 7.99 -35.39 4.31
C ASP A 86 7.00 -34.26 3.93
N GLY A 87 7.49 -33.02 3.84
CA GLY A 87 6.63 -31.91 3.46
C GLY A 87 7.11 -30.56 3.97
N LEU A 88 6.28 -29.55 3.71
CA LEU A 88 6.57 -28.19 4.10
C LEU A 88 5.28 -27.52 4.51
N ALA A 89 5.37 -26.59 5.45
CA ALA A 89 4.15 -25.92 5.87
C ALA A 89 4.33 -24.51 6.33
N PHE A 90 3.35 -23.67 6.05
CA PHE A 90 3.36 -22.32 6.53
C PHE A 90 2.52 -22.40 7.82
N ALA A 91 2.99 -21.84 8.94
CA ALA A 91 2.26 -21.96 10.18
C ALA A 91 2.13 -20.70 11.01
N LEU A 92 1.08 -20.60 11.83
CA LEU A 92 0.83 -19.51 12.76
C LEU A 92 0.94 -20.28 14.05
N VAL A 93 1.87 -19.91 14.88
CA VAL A 93 2.14 -20.64 16.08
C VAL A 93 2.25 -19.71 17.29
N PRO A 94 2.17 -20.24 18.52
CA PRO A 94 2.27 -19.45 19.76
C PRO A 94 3.66 -18.88 19.81
N VAL A 95 3.81 -17.72 20.46
CA VAL A 95 5.09 -17.02 20.47
C VAL A 95 6.39 -17.73 20.81
N GLY A 96 6.45 -18.43 21.93
CA GLY A 96 7.73 -19.09 22.18
C GLY A 96 7.79 -20.51 21.68
N SER A 97 6.79 -20.89 20.92
CA SER A 97 6.66 -22.24 20.39
C SER A 97 7.97 -22.89 19.98
N GLN A 98 8.16 -24.11 20.44
CA GLN A 98 9.37 -24.91 20.13
C GLN A 98 8.96 -26.01 19.17
N PRO A 99 9.91 -26.60 18.44
CA PRO A 99 9.60 -27.69 17.49
C PRO A 99 8.91 -28.95 18.09
N LYS A 100 8.13 -29.67 17.27
CA LYS A 100 7.44 -30.88 17.68
C LYS A 100 8.07 -32.10 17.00
N ASP A 101 7.27 -33.08 16.58
CA ASP A 101 7.84 -34.27 15.95
C ASP A 101 8.38 -34.15 14.57
N LYS A 102 9.26 -35.09 14.19
CA LYS A 102 9.90 -35.12 12.87
C LYS A 102 9.04 -35.80 11.80
N GLY A 103 9.61 -35.99 10.62
CA GLY A 103 8.88 -36.62 9.54
C GLY A 103 7.44 -36.18 9.34
N GLY A 104 6.54 -37.14 9.28
CA GLY A 104 5.13 -36.85 9.05
C GLY A 104 4.47 -35.76 9.88
N PHE A 105 5.04 -35.44 11.04
CA PHE A 105 4.44 -34.38 11.81
C PHE A 105 4.85 -32.98 11.40
N LEU A 106 5.69 -32.89 10.38
CA LEU A 106 6.16 -31.63 9.85
C LEU A 106 6.76 -30.67 10.87
N GLY A 107 7.14 -31.17 12.04
CA GLY A 107 7.73 -30.33 13.06
C GLY A 107 6.68 -29.56 13.84
N LEU A 108 5.45 -29.61 13.36
CA LEU A 108 4.36 -28.87 13.99
C LEU A 108 3.49 -29.66 14.98
N PHE A 109 3.38 -30.98 14.80
CA PHE A 109 2.53 -31.75 15.69
C PHE A 109 3.15 -32.92 16.43
N ASP A 110 2.35 -33.49 17.35
CA ASP A 110 2.77 -34.58 18.26
C ASP A 110 2.11 -35.94 18.16
N GLY A 111 0.80 -35.95 17.92
CA GLY A 111 0.10 -37.22 17.92
C GLY A 111 -0.32 -37.51 19.37
N SER A 112 0.04 -36.56 20.25
CA SER A 112 -0.34 -36.62 21.64
C SER A 112 -1.59 -35.78 21.66
N ASN A 113 -2.09 -35.47 22.83
CA ASN A 113 -3.30 -34.69 22.78
C ASN A 113 -3.28 -33.32 23.38
N SER A 114 -2.10 -32.71 23.21
CA SER A 114 -1.86 -31.36 23.70
C SER A 114 -2.48 -30.42 22.64
N ASN A 115 -3.06 -29.32 23.12
CA ASN A 115 -3.63 -28.32 22.24
C ASN A 115 -2.38 -27.60 21.81
N PHE A 116 -2.10 -27.59 20.52
CA PHE A 116 -0.90 -26.94 20.04
C PHE A 116 -1.15 -25.50 19.67
N HIS A 117 -2.42 -25.09 19.67
CA HIS A 117 -2.78 -23.73 19.30
C HIS A 117 -2.03 -23.38 18.00
N THR A 118 -2.08 -24.30 17.06
CA THR A 118 -1.40 -24.10 15.82
C THR A 118 -2.34 -24.21 14.66
N VAL A 119 -2.08 -23.47 13.61
CA VAL A 119 -2.90 -23.51 12.41
C VAL A 119 -1.87 -23.49 11.34
N ALA A 120 -2.01 -24.35 10.33
CA ALA A 120 -0.98 -24.43 9.31
C ALA A 120 -1.57 -24.89 8.02
N VAL A 121 -0.88 -24.60 6.91
CA VAL A 121 -1.31 -25.03 5.58
C VAL A 121 -0.10 -25.87 5.16
N GLU A 122 -0.32 -27.16 4.91
CA GLU A 122 0.75 -28.07 4.59
C GLU A 122 0.81 -28.43 3.16
N PHE A 123 2.01 -28.79 2.73
CA PHE A 123 2.30 -29.21 1.36
C PHE A 123 2.96 -30.53 1.67
N ASP A 124 2.11 -31.54 1.77
CA ASP A 124 2.46 -32.91 2.11
C ASP A 124 2.94 -33.74 0.92
N THR A 125 4.15 -34.25 1.01
CA THR A 125 4.68 -35.00 -0.10
C THR A 125 4.72 -36.49 0.14
N LEU A 126 4.23 -36.93 1.28
CA LEU A 126 4.28 -38.34 1.62
C LEU A 126 3.06 -38.82 2.34
N TYR A 127 2.55 -39.95 1.85
CA TYR A 127 1.35 -40.57 2.42
C TYR A 127 1.62 -41.20 3.79
N ASN A 128 0.77 -40.90 4.76
CA ASN A 128 0.89 -41.48 6.08
C ASN A 128 -0.41 -42.19 6.29
N LYS A 129 -0.37 -43.49 6.08
CA LYS A 129 -1.53 -44.36 6.22
C LYS A 129 -2.56 -43.89 7.26
N ASP A 130 -2.09 -43.62 8.46
CA ASP A 130 -2.94 -43.25 9.59
C ASP A 130 -3.84 -42.06 9.46
N TRP A 131 -3.51 -41.09 8.61
CA TRP A 131 -4.36 -39.90 8.53
C TRP A 131 -4.33 -39.19 7.20
N ASP A 132 -3.36 -39.53 6.38
CA ASP A 132 -3.25 -38.84 5.12
C ASP A 132 -4.09 -39.41 4.06
N PRO A 133 -4.49 -38.57 3.11
CA PRO A 133 -5.29 -39.05 2.00
C PRO A 133 -4.26 -39.78 1.17
N THR A 134 -4.72 -40.47 0.14
CA THR A 134 -3.81 -41.24 -0.68
C THR A 134 -2.84 -40.44 -1.53
N GLU A 135 -3.28 -39.32 -2.05
CA GLU A 135 -2.39 -38.53 -2.89
C GLU A 135 -1.76 -37.33 -2.21
N ARG A 136 -0.65 -36.86 -2.80
CA ARG A 136 0.04 -35.69 -2.31
C ARG A 136 -0.97 -34.55 -2.33
N HIS A 137 -1.01 -33.83 -1.22
CA HIS A 137 -2.03 -32.84 -1.08
C HIS A 137 -1.58 -31.51 -0.45
N ILE A 138 -2.45 -30.53 -0.57
CA ILE A 138 -2.24 -29.26 0.08
C ILE A 138 -3.33 -29.43 1.14
N GLY A 139 -3.06 -29.08 2.40
CA GLY A 139 -4.11 -29.23 3.38
C GLY A 139 -4.15 -28.19 4.46
N ILE A 140 -5.34 -27.88 4.98
CA ILE A 140 -5.50 -26.95 6.07
C ILE A 140 -5.50 -27.73 7.43
N ASP A 141 -4.49 -27.57 8.27
CA ASP A 141 -4.42 -28.24 9.55
C ASP A 141 -4.78 -27.31 10.66
N VAL A 142 -5.67 -27.74 11.53
CA VAL A 142 -6.04 -26.89 12.64
C VAL A 142 -5.88 -27.70 13.92
N ASN A 143 -4.73 -27.60 14.55
CA ASN A 143 -4.43 -28.30 15.80
C ASN A 143 -4.16 -29.78 15.66
N SER A 144 -4.03 -30.27 14.43
CA SER A 144 -3.79 -31.69 14.20
C SER A 144 -3.18 -31.94 12.82
N ILE A 145 -2.25 -32.90 12.74
CA ILE A 145 -1.60 -33.26 11.46
C ILE A 145 -2.61 -33.86 10.44
N ARG A 146 -3.83 -34.05 10.91
CA ARG A 146 -4.92 -34.56 10.13
C ARG A 146 -5.69 -33.37 9.58
N SER A 147 -5.28 -32.91 8.42
CA SER A 147 -5.92 -31.77 7.79
C SER A 147 -7.44 -31.82 7.85
N ILE A 148 -7.99 -30.70 8.22
CA ILE A 148 -9.40 -30.49 8.30
C ILE A 148 -10.02 -30.54 6.89
N LYS A 149 -9.19 -30.43 5.88
CA LYS A 149 -9.66 -30.46 4.51
C LYS A 149 -8.43 -30.48 3.64
N THR A 150 -8.56 -30.95 2.41
CA THR A 150 -7.42 -31.06 1.50
C THR A 150 -7.78 -30.97 -0.01
N THR A 151 -6.73 -31.06 -0.85
CA THR A 151 -6.89 -31.04 -2.28
C THR A 151 -5.71 -31.73 -2.89
N ARG A 152 -5.97 -32.45 -3.98
CA ARG A 152 -4.92 -33.18 -4.67
C ARG A 152 -3.97 -32.13 -5.21
N TRP A 153 -2.69 -32.43 -5.03
CA TRP A 153 -1.62 -31.57 -5.45
C TRP A 153 -0.68 -32.41 -6.23
N ASP A 154 -0.42 -32.00 -7.47
CA ASP A 154 0.49 -32.75 -8.32
C ASP A 154 1.89 -32.27 -8.21
N PHE A 155 2.58 -32.76 -7.20
CA PHE A 155 3.94 -32.36 -6.97
C PHE A 155 4.82 -32.51 -8.19
N VAL A 156 5.44 -31.42 -8.60
CA VAL A 156 6.40 -31.43 -9.71
C VAL A 156 7.75 -31.19 -9.05
N ASN A 157 8.69 -32.10 -9.24
CA ASN A 157 9.99 -32.00 -8.59
C ASN A 157 10.91 -30.94 -9.16
N GLY A 158 11.46 -30.12 -8.26
CA GLY A 158 12.42 -29.10 -8.65
C GLY A 158 11.89 -27.84 -9.29
N GLU A 159 10.59 -27.75 -9.49
CA GLU A 159 10.02 -26.55 -10.06
C GLU A 159 9.63 -25.67 -8.91
N ASN A 160 9.65 -24.36 -9.18
CA ASN A 160 9.28 -23.35 -8.17
C ASN A 160 7.79 -23.27 -8.08
N ALA A 161 7.27 -23.33 -6.86
CA ALA A 161 5.83 -23.28 -6.61
C ALA A 161 5.50 -21.96 -6.02
N GLU A 162 4.42 -21.37 -6.51
CA GLU A 162 4.01 -20.07 -6.01
C GLU A 162 2.74 -20.16 -5.20
N VAL A 163 2.89 -20.01 -3.89
CA VAL A 163 1.75 -20.10 -2.97
C VAL A 163 1.09 -18.80 -2.58
N LEU A 164 -0.20 -18.83 -2.32
CA LEU A 164 -0.92 -17.65 -1.90
C LEU A 164 -1.99 -18.10 -0.93
N ILE A 165 -1.87 -17.70 0.32
CA ILE A 165 -2.81 -18.06 1.37
C ILE A 165 -3.46 -16.79 1.88
N THR A 166 -4.77 -16.79 2.06
CA THR A 166 -5.48 -15.62 2.58
C THR A 166 -6.53 -15.97 3.60
N TYR A 167 -6.71 -15.09 4.59
CA TYR A 167 -7.71 -15.30 5.60
C TYR A 167 -8.55 -14.08 5.69
N ASP A 168 -9.86 -14.25 5.63
CA ASP A 168 -10.80 -13.13 5.71
C ASP A 168 -11.64 -13.19 7.00
N SER A 169 -11.41 -12.24 7.92
CA SER A 169 -12.07 -12.12 9.22
C SER A 169 -13.58 -12.19 9.21
N SER A 170 -14.20 -11.51 8.26
CA SER A 170 -15.66 -11.49 8.19
C SER A 170 -16.26 -12.86 7.93
N THR A 171 -15.76 -13.52 6.89
CA THR A 171 -16.23 -14.83 6.50
C THR A 171 -15.48 -15.97 7.12
N ASN A 172 -14.43 -15.69 7.87
CA ASN A 172 -13.60 -16.76 8.45
C ASN A 172 -13.07 -17.75 7.42
N LEU A 173 -13.06 -17.34 6.15
CA LEU A 173 -12.59 -18.22 5.09
C LEU A 173 -11.07 -18.28 4.94
N LEU A 174 -10.49 -19.46 4.99
CA LEU A 174 -9.05 -19.59 4.80
C LEU A 174 -8.95 -20.21 3.42
N VAL A 175 -8.13 -19.62 2.52
CA VAL A 175 -7.98 -20.09 1.13
C VAL A 175 -6.55 -20.22 0.64
N ALA A 176 -6.09 -21.41 0.38
CA ALA A 176 -4.73 -21.62 -0.08
C ALA A 176 -4.69 -22.04 -1.53
N SER A 177 -3.77 -21.48 -2.32
CA SER A 177 -3.64 -21.85 -3.72
C SER A 177 -2.19 -22.04 -4.07
N LEU A 178 -1.91 -22.75 -5.16
CA LEU A 178 -0.53 -23.01 -5.54
C LEU A 178 -0.49 -23.14 -7.01
N VAL A 179 0.56 -22.60 -7.66
CA VAL A 179 0.65 -22.73 -9.11
C VAL A 179 2.09 -22.94 -9.50
N TYR A 180 2.29 -23.74 -10.54
CA TYR A 180 3.65 -23.96 -11.06
C TYR A 180 3.64 -23.14 -12.36
N PRO A 181 4.24 -21.93 -12.34
CA PRO A 181 4.28 -21.07 -13.52
C PRO A 181 4.88 -21.80 -14.71
N SER A 182 5.76 -22.76 -14.41
CA SER A 182 6.43 -23.55 -15.47
C SER A 182 5.51 -24.56 -16.13
N GLN A 183 4.68 -25.21 -15.32
CA GLN A 183 3.73 -26.21 -15.82
C GLN A 183 2.37 -25.60 -16.14
N LYS A 184 2.10 -24.45 -15.55
CA LYS A 184 0.85 -23.75 -15.72
C LYS A 184 -0.27 -24.47 -15.00
N THR A 185 0.09 -25.24 -13.98
CA THR A 185 -0.91 -25.95 -13.22
C THR A 185 -1.28 -25.10 -12.01
N SER A 186 -2.41 -25.39 -11.41
CA SER A 186 -2.87 -24.63 -10.25
C SER A 186 -3.79 -25.51 -9.36
N PHE A 187 -3.82 -25.25 -8.06
CA PHE A 187 -4.60 -26.01 -7.12
C PHE A 187 -5.07 -25.07 -6.05
N ILE A 188 -6.28 -25.26 -5.55
CA ILE A 188 -6.83 -24.38 -4.53
C ILE A 188 -7.63 -25.16 -3.47
N VAL A 189 -7.67 -24.66 -2.25
CA VAL A 189 -8.38 -25.35 -1.16
C VAL A 189 -8.92 -24.22 -0.37
N SER A 190 -10.05 -24.42 0.28
CA SER A 190 -10.62 -23.35 1.07
C SER A 190 -11.56 -23.94 2.07
N ASP A 191 -11.51 -23.47 3.33
CA ASP A 191 -12.41 -23.92 4.36
C ASP A 191 -12.51 -22.83 5.35
N THR A 192 -13.48 -22.88 6.25
CA THR A 192 -13.61 -21.82 7.25
C THR A 192 -12.90 -22.24 8.47
N VAL A 193 -12.13 -21.33 9.07
CA VAL A 193 -11.40 -21.63 10.29
C VAL A 193 -11.67 -20.46 11.20
N ASP A 194 -11.86 -20.71 12.49
CA ASP A 194 -12.11 -19.65 13.44
C ASP A 194 -10.83 -19.47 14.23
N LEU A 195 -10.04 -18.47 13.85
CA LEU A 195 -8.81 -18.24 14.52
C LEU A 195 -8.93 -17.99 16.00
N LYS A 196 -9.93 -17.25 16.45
CA LYS A 196 -10.10 -16.97 17.89
C LYS A 196 -10.22 -18.23 18.73
N SER A 197 -10.84 -19.26 18.16
CA SER A 197 -11.02 -20.52 18.87
C SER A 197 -9.77 -21.31 19.12
N VAL A 198 -8.86 -21.33 18.17
CA VAL A 198 -7.63 -22.12 18.32
C VAL A 198 -6.33 -21.36 18.63
N LEU A 199 -6.23 -20.13 18.11
CA LEU A 199 -5.03 -19.31 18.27
C LEU A 199 -5.03 -18.27 19.37
N PRO A 200 -3.85 -18.01 19.95
CA PRO A 200 -3.68 -17.02 21.01
C PRO A 200 -3.67 -15.68 20.30
N GLU A 201 -3.92 -14.58 21.00
CA GLU A 201 -3.96 -13.27 20.37
C GLU A 201 -2.73 -12.88 19.55
N TRP A 202 -1.56 -13.29 20.06
CA TRP A 202 -0.27 -13.04 19.44
C TRP A 202 0.38 -14.34 19.04
N VAL A 203 0.93 -14.37 17.84
CA VAL A 203 1.56 -15.58 17.33
C VAL A 203 2.77 -15.18 16.50
N SER A 204 3.72 -16.11 16.41
CA SER A 204 4.91 -15.96 15.62
C SER A 204 4.42 -16.52 14.30
N VAL A 205 5.05 -16.19 13.20
CA VAL A 205 4.57 -16.61 11.89
C VAL A 205 5.73 -17.08 10.99
N GLY A 206 5.53 -18.18 10.28
CA GLY A 206 6.60 -18.66 9.43
C GLY A 206 6.42 -20.01 8.78
N PHE A 207 7.49 -20.79 8.78
CA PHE A 207 7.52 -22.08 8.13
C PHE A 207 8.10 -23.23 8.98
N SER A 208 7.73 -24.45 8.60
CA SER A 208 8.22 -25.66 9.25
C SER A 208 8.32 -26.75 8.17
N ALA A 209 9.31 -27.63 8.31
CA ALA A 209 9.52 -28.67 7.30
C ALA A 209 10.41 -29.75 7.84
N THR A 210 10.26 -30.93 7.25
CA THR A 210 11.00 -32.09 7.72
C THR A 210 11.33 -33.00 6.56
N THR A 211 12.33 -33.85 6.72
CA THR A 211 12.61 -34.84 5.68
C THR A 211 12.21 -36.22 6.26
N GLY A 212 11.98 -37.17 5.35
CA GLY A 212 11.61 -38.53 5.72
C GLY A 212 12.61 -39.08 6.71
N ILE A 213 12.14 -39.91 7.62
CA ILE A 213 13.01 -40.47 8.62
C ILE A 213 13.69 -41.75 8.13
N ASN A 214 13.46 -42.11 6.88
CA ASN A 214 14.07 -43.31 6.40
C ASN A 214 14.79 -43.02 5.12
N LYS A 215 15.97 -43.55 5.05
CA LYS A 215 16.83 -43.43 3.90
C LYS A 215 16.38 -42.85 2.58
N GLY A 216 15.52 -43.57 1.88
CA GLY A 216 15.10 -43.10 0.55
C GLY A 216 14.05 -42.04 0.42
N ASN A 217 13.65 -41.45 1.53
CA ASN A 217 12.64 -40.41 1.50
C ASN A 217 13.19 -39.10 2.00
N VAL A 218 13.66 -38.27 1.08
CA VAL A 218 14.21 -36.97 1.43
C VAL A 218 13.98 -35.99 0.30
N GLU A 219 13.92 -34.71 0.64
CA GLU A 219 13.71 -33.65 -0.35
C GLU A 219 14.32 -32.42 0.29
N THR A 220 14.58 -31.38 -0.50
CA THR A 220 15.08 -30.13 0.06
C THR A 220 13.82 -29.30 0.29
N ASN A 221 13.85 -28.40 1.26
CA ASN A 221 12.68 -27.55 1.54
C ASN A 221 13.12 -26.10 1.60
N ASP A 222 13.06 -25.43 0.46
CA ASP A 222 13.55 -24.05 0.40
C ASP A 222 12.53 -22.99 0.06
N VAL A 223 12.58 -21.87 0.78
CA VAL A 223 11.70 -20.75 0.51
C VAL A 223 12.59 -19.70 -0.09
N LEU A 224 12.16 -19.12 -1.19
CA LEU A 224 12.96 -18.14 -1.95
C LEU A 224 12.54 -16.70 -1.79
N SER A 225 11.33 -16.47 -1.32
CA SER A 225 10.80 -15.13 -1.11
C SER A 225 9.52 -15.32 -0.32
N TRP A 226 9.14 -14.31 0.43
CA TRP A 226 7.99 -14.37 1.29
C TRP A 226 7.45 -12.99 1.53
N SER A 227 6.16 -12.90 1.73
CA SER A 227 5.58 -11.61 2.00
C SER A 227 4.34 -11.87 2.86
N PHE A 228 4.22 -11.13 3.94
CA PHE A 228 3.10 -11.29 4.82
C PHE A 228 2.41 -9.97 4.98
N ALA A 229 1.14 -10.00 5.37
CA ALA A 229 0.37 -8.78 5.59
C ALA A 229 -0.81 -9.09 6.48
N SER A 230 -1.01 -8.29 7.51
CA SER A 230 -2.10 -8.52 8.41
C SER A 230 -2.69 -7.20 8.82
N LYS A 231 -4.02 -7.12 8.82
CA LYS A 231 -4.71 -5.91 9.22
C LYS A 231 -5.69 -6.24 10.33
N LEU A 232 -5.49 -5.69 11.51
CA LEU A 232 -6.37 -5.99 12.61
C LEU A 232 -7.24 -4.81 12.92
N SER A 233 -8.54 -5.03 12.80
CA SER A 233 -9.59 -4.04 13.05
C SER A 233 -9.61 -3.11 11.83
N SER B 1 13.41 -4.74 -3.77
CA SER B 1 12.53 -4.43 -2.62
C SER B 1 12.70 -5.42 -1.50
N ASN B 2 12.74 -4.91 -0.29
CA ASN B 2 12.86 -5.74 0.89
C ASN B 2 12.21 -4.82 1.88
N ASP B 3 10.91 -4.73 1.68
CA ASP B 3 10.03 -3.86 2.39
C ASP B 3 9.53 -4.26 3.75
N ILE B 4 9.11 -3.27 4.50
CA ILE B 4 8.58 -3.42 5.84
C ILE B 4 7.65 -2.23 6.07
N TYR B 5 6.62 -2.48 6.84
CA TYR B 5 5.67 -1.47 7.12
C TYR B 5 4.88 -1.92 8.28
N PHE B 6 4.54 -1.00 9.15
CA PHE B 6 3.71 -1.31 10.25
C PHE B 6 3.03 -0.09 10.73
N ASN B 7 1.98 -0.28 11.49
CA ASN B 7 1.23 0.85 11.95
C ASN B 7 0.45 0.53 13.18
N PHE B 8 0.82 1.12 14.30
CA PHE B 8 0.14 0.87 15.55
C PHE B 8 -0.74 2.01 15.94
N GLN B 9 -2.04 1.79 16.02
CA GLN B 9 -2.91 2.85 16.47
C GLN B 9 -3.13 2.70 17.95
N ARG B 10 -2.52 1.70 18.54
CA ARG B 10 -2.58 1.46 19.98
C ARG B 10 -1.47 0.48 20.24
N PHE B 11 -0.69 0.77 21.28
CA PHE B 11 0.46 -0.03 21.59
C PHE B 11 0.23 -1.20 22.53
N ASN B 12 1.09 -2.22 22.39
CA ASN B 12 1.07 -3.41 23.23
C ASN B 12 2.54 -3.78 23.37
N GLU B 13 2.93 -4.17 24.56
CA GLU B 13 4.30 -4.50 24.79
C GLU B 13 4.84 -5.72 24.19
N THR B 14 4.02 -6.51 23.50
CA THR B 14 4.60 -7.77 23.02
C THR B 14 5.51 -7.69 21.82
N ASN B 15 5.33 -6.65 21.00
CA ASN B 15 6.21 -6.49 19.84
C ASN B 15 7.09 -5.25 19.98
N LEU B 16 7.39 -4.89 21.21
CA LEU B 16 8.20 -3.75 21.56
C LEU B 16 9.31 -4.14 22.51
N ILE B 17 10.45 -3.45 22.42
CA ILE B 17 11.56 -3.66 23.35
C ILE B 17 11.49 -2.43 24.25
N LEU B 18 11.25 -2.57 25.54
CA LEU B 18 11.18 -1.41 26.41
C LEU B 18 12.39 -1.36 27.29
N GLN B 19 12.97 -0.17 27.47
CA GLN B 19 14.15 -0.01 28.30
C GLN B 19 13.90 1.02 29.34
N ARG B 20 14.36 0.72 30.54
CA ARG B 20 14.19 1.55 31.70
C ARG B 20 12.75 1.87 32.00
N ASP B 21 12.38 3.14 32.19
CA ASP B 21 11.02 3.55 32.55
C ASP B 21 9.91 3.46 31.47
N ALA B 22 10.28 3.06 30.25
CA ALA B 22 9.28 2.98 29.18
C ALA B 22 8.22 1.92 29.57
N SER B 23 6.98 2.15 29.16
CA SER B 23 5.91 1.25 29.48
C SER B 23 4.69 1.57 28.61
N VAL B 24 3.78 0.60 28.45
CA VAL B 24 2.58 0.82 27.65
C VAL B 24 1.43 0.88 28.63
N SER B 25 0.66 1.94 28.56
CA SER B 25 -0.44 2.07 29.48
C SER B 25 -1.57 1.15 29.13
N SER B 26 -2.51 1.02 30.08
CA SER B 26 -3.72 0.21 29.92
C SER B 26 -4.55 0.69 28.72
N SER B 27 -4.35 1.95 28.34
CA SER B 27 -5.03 2.53 27.20
C SER B 27 -4.21 2.37 25.91
N GLY B 28 -3.11 1.63 25.97
CA GLY B 28 -2.26 1.41 24.81
C GLY B 28 -1.46 2.61 24.33
N GLN B 29 -0.92 3.40 25.26
CA GLN B 29 -0.12 4.54 24.87
C GLN B 29 1.26 4.17 25.28
N LEU B 30 2.23 4.47 24.42
CA LEU B 30 3.61 4.21 24.77
C LEU B 30 4.03 5.38 25.66
N ARG B 31 4.31 5.12 26.91
CA ARG B 31 4.71 6.20 27.82
C ARG B 31 6.19 6.02 28.07
N LEU B 32 6.98 6.88 27.46
CA LEU B 32 8.43 6.79 27.57
C LEU B 32 9.05 7.10 28.94
N THR B 33 8.36 7.91 29.74
CA THR B 33 8.84 8.27 31.07
C THR B 33 7.81 8.12 32.20
N ASN B 34 8.37 7.90 33.39
CA ASN B 34 7.67 7.71 34.67
C ASN B 34 6.80 8.83 35.20
N LEU B 35 5.87 8.46 36.07
CA LEU B 35 5.01 9.38 36.80
C LEU B 35 5.38 9.14 38.24
N ASN B 36 5.38 10.14 39.09
CA ASN B 36 5.81 9.91 40.47
C ASN B 36 4.67 9.51 41.39
N GLY B 37 3.57 9.07 40.78
CA GLY B 37 2.44 8.64 41.58
C GLY B 37 1.49 9.75 41.92
N ASN B 38 2.00 10.98 42.01
CA ASN B 38 1.13 12.13 42.27
C ASN B 38 0.54 12.48 40.90
N GLY B 39 0.82 11.62 39.91
CA GLY B 39 0.36 11.79 38.55
C GLY B 39 1.27 12.83 37.93
N GLU B 40 2.45 12.93 38.52
CA GLU B 40 3.38 13.92 38.08
C GLU B 40 4.58 13.28 37.44
N PRO B 41 5.10 13.88 36.38
CA PRO B 41 6.26 13.35 35.70
C PRO B 41 7.38 13.22 36.66
N ARG B 42 7.93 12.02 36.76
CA ARG B 42 9.03 11.76 37.69
C ARG B 42 10.31 12.50 37.18
N VAL B 43 11.11 12.96 38.12
CA VAL B 43 12.34 13.64 37.81
C VAL B 43 13.43 12.62 37.46
N GLY B 44 14.28 12.95 36.50
CA GLY B 44 15.35 12.04 36.13
C GLY B 44 14.90 10.75 35.48
N SER B 45 13.78 10.80 34.78
CA SER B 45 13.26 9.63 34.12
C SER B 45 13.93 9.46 32.80
N LEU B 46 14.07 8.22 32.36
CA LEU B 46 14.68 7.89 31.07
C LEU B 46 13.96 6.65 30.55
N GLY B 47 13.39 6.72 29.35
CA GLY B 47 12.79 5.53 28.80
C GLY B 47 13.00 5.42 27.32
N ARG B 48 13.27 4.22 26.84
CA ARG B 48 13.41 4.02 25.40
C ARG B 48 12.49 2.84 24.95
N ALA B 49 12.04 2.85 23.70
CA ALA B 49 11.16 1.81 23.19
C ALA B 49 11.44 1.59 21.73
N PHE B 50 11.60 0.33 21.32
CA PHE B 50 11.86 0.05 19.91
C PHE B 50 10.98 -1.06 19.37
N TYR B 51 10.78 -1.08 18.06
CA TYR B 51 10.01 -2.13 17.44
C TYR B 51 10.92 -3.32 17.53
N SER B 52 10.37 -4.48 17.87
CA SER B 52 11.15 -5.71 18.04
C SER B 52 11.88 -6.36 16.86
N ALA B 53 11.52 -6.07 15.61
CA ALA B 53 12.26 -6.71 14.53
C ALA B 53 13.27 -5.69 13.96
N PRO B 54 14.53 -6.09 13.84
CA PRO B 54 15.59 -5.23 13.33
C PRO B 54 15.20 -4.87 11.95
N ILE B 55 15.62 -3.69 11.52
CA ILE B 55 15.33 -3.23 10.20
C ILE B 55 16.65 -3.12 9.52
N GLN B 56 16.68 -3.47 8.24
CA GLN B 56 17.91 -3.31 7.48
C GLN B 56 17.87 -1.94 6.80
N ILE B 57 18.74 -1.03 7.23
CA ILE B 57 18.78 0.31 6.69
C ILE B 57 19.63 0.44 5.43
N TRP B 58 20.63 -0.41 5.28
CA TRP B 58 21.44 -0.39 4.07
C TRP B 58 22.20 -1.70 3.91
N ASP B 59 22.73 -1.91 2.72
CA ASP B 59 23.41 -3.14 2.42
C ASP B 59 24.83 -2.91 1.91
N ASN B 60 25.84 -3.45 2.59
CA ASN B 60 27.21 -3.26 2.14
C ASN B 60 27.53 -4.03 0.88
N THR B 61 26.87 -5.16 0.64
CA THR B 61 27.17 -5.94 -0.56
C THR B 61 26.60 -5.31 -1.83
N THR B 62 25.45 -4.66 -1.74
CA THR B 62 24.89 -4.02 -2.91
C THR B 62 25.20 -2.52 -2.88
N GLY B 63 25.61 -2.03 -1.72
CA GLY B 63 25.93 -0.63 -1.58
C GLY B 63 24.70 0.26 -1.57
N THR B 64 23.53 -0.32 -1.35
CA THR B 64 22.26 0.45 -1.33
C THR B 64 21.77 0.87 0.07
N VAL B 65 20.99 1.93 0.08
CA VAL B 65 20.44 2.42 1.32
C VAL B 65 18.94 2.51 1.14
N ALA B 66 18.23 2.38 2.24
CA ALA B 66 16.78 2.37 2.20
C ALA B 66 16.18 3.70 2.35
N SER B 67 15.01 3.89 1.77
CA SER B 67 14.33 5.13 1.97
C SER B 67 13.38 4.74 3.08
N PHE B 68 12.92 5.72 3.84
CA PHE B 68 11.98 5.37 4.86
C PHE B 68 11.16 6.55 5.22
N ALA B 69 10.14 6.33 6.02
CA ALA B 69 9.24 7.37 6.47
C ALA B 69 8.61 6.84 7.73
N THR B 70 8.23 7.73 8.60
CA THR B 70 7.61 7.29 9.82
C THR B 70 6.75 8.44 10.25
N SER B 71 5.76 8.17 11.08
CA SER B 71 4.92 9.26 11.55
C SER B 71 4.40 8.88 12.88
N PHE B 72 4.27 9.84 13.76
CA PHE B 72 3.79 9.50 15.08
C PHE B 72 3.17 10.69 15.70
N THR B 73 2.35 10.44 16.73
CA THR B 73 1.66 11.52 17.41
C THR B 73 2.10 11.45 18.80
N PHE B 74 2.65 12.55 19.31
CA PHE B 74 3.07 12.54 20.68
C PHE B 74 2.40 13.64 21.45
N ASN B 75 2.41 13.51 22.74
CA ASN B 75 1.82 14.50 23.55
C ASN B 75 2.74 14.70 24.76
N ILE B 76 3.26 15.93 24.94
CA ILE B 76 4.13 16.26 26.08
C ILE B 76 3.34 17.21 26.96
N GLN B 77 3.22 16.89 28.25
CA GLN B 77 2.45 17.71 29.17
C GLN B 77 3.30 18.14 30.34
N VAL B 78 3.34 19.43 30.62
CA VAL B 78 4.13 19.91 31.75
C VAL B 78 3.18 20.26 32.89
N PRO B 79 3.48 19.77 34.10
CA PRO B 79 2.61 20.08 35.24
C PRO B 79 2.67 21.56 35.61
N ASN B 80 1.62 22.07 36.23
CA ASN B 80 1.57 23.47 36.63
C ASN B 80 2.74 23.88 37.49
N ASN B 81 3.24 25.09 37.22
CA ASN B 81 4.36 25.63 37.96
C ASN B 81 5.53 24.64 37.86
N ALA B 82 5.96 24.41 36.63
CA ALA B 82 7.06 23.52 36.27
C ALA B 82 7.40 23.89 34.85
N GLY B 83 8.55 23.44 34.36
CA GLY B 83 8.94 23.73 33.01
C GLY B 83 9.30 22.47 32.26
N PRO B 84 9.20 22.49 30.93
CA PRO B 84 9.50 21.37 30.04
C PRO B 84 10.91 20.98 30.17
N ALA B 85 11.15 19.70 30.14
CA ALA B 85 12.47 19.15 30.21
C ALA B 85 12.26 17.66 30.14
N ASP B 86 13.10 16.92 29.43
CA ASP B 86 14.25 17.44 28.68
C ASP B 86 13.99 17.32 27.17
N GLY B 87 13.14 16.39 26.76
CA GLY B 87 12.79 16.22 25.36
C GLY B 87 12.44 14.81 24.92
N LEU B 88 12.18 14.65 23.64
CA LEU B 88 11.81 13.37 23.07
C LEU B 88 12.48 13.20 21.70
N ALA B 89 12.81 11.98 21.33
CA ALA B 89 13.45 11.78 20.05
C ALA B 89 13.10 10.48 19.38
N PHE B 90 13.00 10.51 18.08
CA PHE B 90 12.81 9.30 17.35
C PHE B 90 14.24 8.92 16.95
N ALA B 91 14.66 7.66 17.06
CA ALA B 91 16.03 7.30 16.72
C ALA B 91 16.22 6.00 15.98
N LEU B 92 17.34 5.89 15.26
CA LEU B 92 17.72 4.70 14.54
C LEU B 92 19.00 4.39 15.27
N VAL B 93 19.03 3.23 15.90
CA VAL B 93 20.12 2.85 16.75
C VAL B 93 20.64 1.44 16.43
N PRO B 94 21.81 1.07 16.93
CA PRO B 94 22.40 -0.25 16.70
C PRO B 94 21.51 -1.27 17.39
N VAL B 95 21.48 -2.50 16.87
CA VAL B 95 20.59 -3.50 17.40
C VAL B 95 20.50 -3.78 18.89
N GLY B 96 21.60 -4.09 19.55
CA GLY B 96 21.43 -4.33 20.98
C GLY B 96 21.67 -3.10 21.82
N SER B 97 21.62 -1.93 21.18
CA SER B 97 21.90 -0.67 21.84
C SER B 97 21.24 -0.52 23.19
N GLN B 98 22.00 -0.07 24.17
CA GLN B 98 21.53 0.17 25.52
C GLN B 98 21.44 1.65 25.75
N PRO B 99 20.64 2.10 26.74
CA PRO B 99 20.47 3.54 27.04
C PRO B 99 21.78 4.29 27.39
N LYS B 100 21.81 5.60 27.11
CA LYS B 100 23.00 6.44 27.42
C LYS B 100 22.69 7.43 28.56
N ASP B 101 23.14 8.68 28.46
CA ASP B 101 22.88 9.59 29.55
C ASP B 101 21.49 10.11 29.71
N LYS B 102 21.16 10.57 30.92
CA LYS B 102 19.84 11.14 31.24
C LYS B 102 19.73 12.62 30.88
N GLY B 103 18.63 13.28 31.26
CA GLY B 103 18.48 14.68 30.92
C GLY B 103 18.78 15.10 29.47
N GLY B 104 19.59 16.14 29.35
CA GLY B 104 19.95 16.71 28.08
C GLY B 104 20.44 15.78 27.02
N PHE B 105 20.90 14.60 27.42
CA PHE B 105 21.35 13.64 26.43
C PHE B 105 20.26 12.80 25.81
N LEU B 106 19.03 13.01 26.27
CA LEU B 106 17.88 12.32 25.76
C LEU B 106 18.00 10.79 25.79
N GLY B 107 18.91 10.24 26.57
CA GLY B 107 19.04 8.80 26.62
C GLY B 107 19.80 8.23 25.45
N LEU B 108 20.08 9.06 24.45
CA LEU B 108 20.80 8.66 23.24
C LEU B 108 22.31 8.89 23.19
N PHE B 109 22.79 9.91 23.93
CA PHE B 109 24.22 10.28 23.89
C PHE B 109 25.01 10.39 25.19
N ASP B 110 26.32 10.55 25.04
CA ASP B 110 27.23 10.54 26.18
C ASP B 110 28.03 11.77 26.50
N GLY B 111 28.44 12.48 25.49
CA GLY B 111 29.31 13.60 25.76
C GLY B 111 30.73 13.04 25.85
N SER B 112 30.86 11.73 25.61
CA SER B 112 32.16 11.09 25.58
C SER B 112 32.47 11.01 24.10
N ASN B 113 33.53 10.33 23.70
CA ASN B 113 33.74 10.35 22.27
C ASN B 113 33.53 9.08 21.48
N SER B 114 32.69 8.24 22.04
CA SER B 114 32.36 6.99 21.42
C SER B 114 31.49 7.28 20.20
N ASN B 115 31.67 6.49 19.15
CA ASN B 115 30.85 6.62 17.98
C ASN B 115 29.61 5.85 18.43
N PHE B 116 28.46 6.50 18.46
CA PHE B 116 27.23 5.86 18.90
C PHE B 116 26.45 5.22 17.75
N HIS B 117 26.88 5.49 16.54
CA HIS B 117 26.21 4.96 15.36
C HIS B 117 24.71 5.22 15.51
N THR B 118 24.36 6.43 15.89
CA THR B 118 22.98 6.78 16.12
C THR B 118 22.63 7.97 15.31
N VAL B 119 21.39 8.04 14.88
CA VAL B 119 20.91 9.16 14.14
C VAL B 119 19.56 9.33 14.80
N ALA B 120 19.16 10.56 15.06
CA ALA B 120 17.88 10.83 15.70
C ALA B 120 17.35 12.19 15.36
N VAL B 121 16.07 12.41 15.57
CA VAL B 121 15.47 13.68 15.30
C VAL B 121 14.92 14.02 16.66
N GLU B 122 15.38 15.10 17.24
CA GLU B 122 14.95 15.43 18.57
C GLU B 122 13.94 16.52 18.63
N PHE B 123 13.21 16.56 19.73
CA PHE B 123 12.21 17.56 19.99
C PHE B 123 12.65 17.99 21.35
N ASP B 124 13.54 18.96 21.34
CA ASP B 124 14.19 19.51 22.52
C ASP B 124 13.42 20.58 23.26
N THR B 125 13.08 20.34 24.51
CA THR B 125 12.29 21.30 25.26
C THR B 125 13.06 22.12 26.26
N LEU B 126 14.36 21.89 26.30
CA LEU B 126 15.18 22.61 27.26
C LEU B 126 16.54 22.98 26.73
N TYR B 127 16.89 24.25 26.97
CA TYR B 127 18.15 24.81 26.51
C TYR B 127 19.31 24.30 27.31
N ASN B 128 20.33 23.81 26.62
CA ASN B 128 21.53 23.35 27.29
C ASN B 128 22.63 24.26 26.77
N LYS B 129 23.00 25.25 27.58
CA LYS B 129 24.03 26.23 27.26
C LYS B 129 25.15 25.74 26.32
N ASP B 130 25.72 24.59 26.67
CA ASP B 130 26.82 24.00 25.94
C ASP B 130 26.67 23.67 24.47
N TRP B 131 25.46 23.44 23.97
CA TRP B 131 25.33 23.05 22.57
C TRP B 131 24.01 23.39 21.94
N ASP B 132 23.03 23.69 22.76
CA ASP B 132 21.70 23.95 22.23
C ASP B 132 21.51 25.35 21.80
N PRO B 133 20.61 25.55 20.84
CA PRO B 133 20.30 26.90 20.37
C PRO B 133 19.48 27.47 21.49
N THR B 134 19.23 28.76 21.45
CA THR B 134 18.47 29.39 22.52
C THR B 134 17.04 28.98 22.64
N GLU B 135 16.39 28.69 21.52
CA GLU B 135 14.99 28.32 21.60
C GLU B 135 14.70 26.84 21.43
N ARG B 136 13.53 26.41 21.93
CA ARG B 136 13.09 25.02 21.79
C ARG B 136 13.08 24.71 20.32
N HIS B 137 13.66 23.58 19.99
CA HIS B 137 13.83 23.27 18.61
C HIS B 137 13.57 21.84 18.24
N ILE B 138 13.49 21.62 16.95
CA ILE B 138 13.38 20.28 16.37
C ILE B 138 14.81 20.17 15.84
N GLY B 139 15.48 19.03 15.95
CA GLY B 139 16.84 18.99 15.45
C GLY B 139 17.27 17.64 14.91
N ILE B 140 18.15 17.63 13.95
CA ILE B 140 18.63 16.38 13.38
C ILE B 140 19.97 16.08 14.00
N ASP B 141 20.07 15.04 14.80
CA ASP B 141 21.31 14.67 15.45
C ASP B 141 21.98 13.53 14.77
N VAL B 142 23.25 13.69 14.46
CA VAL B 142 23.97 12.62 13.82
C VAL B 142 25.17 12.33 14.65
N ASN B 143 25.09 11.32 15.50
CA ASN B 143 26.20 10.92 16.34
C ASN B 143 26.57 11.87 17.46
N SER B 144 25.80 12.94 17.63
CA SER B 144 26.05 13.89 18.70
C SER B 144 24.77 14.63 19.16
N ILE B 145 24.66 14.97 20.44
CA ILE B 145 23.51 15.70 21.00
C ILE B 145 23.50 17.15 20.50
N ARG B 146 24.52 17.45 19.72
CA ARG B 146 24.70 18.74 19.09
C ARG B 146 24.13 18.60 17.68
N SER B 147 22.88 18.99 17.54
CA SER B 147 22.20 18.84 16.26
C SER B 147 22.95 19.46 15.08
N ILE B 148 23.06 18.68 14.03
CA ILE B 148 23.70 19.08 12.82
C ILE B 148 22.93 20.23 12.15
N LYS B 149 21.69 20.45 12.59
CA LYS B 149 20.84 21.49 12.03
C LYS B 149 19.57 21.50 12.85
N THR B 150 18.90 22.65 12.90
CA THR B 150 17.69 22.78 13.71
C THR B 150 16.66 23.78 13.16
N THR B 151 15.58 23.97 13.91
CA THR B 151 14.55 24.91 13.56
C THR B 151 13.77 25.26 14.80
N ARG B 152 13.35 26.50 14.87
CA ARG B 152 12.60 26.96 16.03
C ARG B 152 11.30 26.17 16.05
N TRP B 153 10.95 25.71 17.24
CA TRP B 153 9.75 24.94 17.46
C TRP B 153 9.02 25.59 18.58
N ASP B 154 7.81 26.04 18.31
CA ASP B 154 7.01 26.66 19.37
C ASP B 154 6.21 25.64 20.17
N PHE B 155 6.87 25.09 21.18
CA PHE B 155 6.25 24.09 22.05
C PHE B 155 4.93 24.55 22.64
N VAL B 156 3.85 23.82 22.36
CA VAL B 156 2.54 24.11 22.94
C VAL B 156 2.30 22.97 23.93
N ASN B 157 2.06 23.30 25.18
CA ASN B 157 1.86 22.28 26.21
C ASN B 157 0.53 21.54 26.16
N GLY B 158 0.61 20.21 26.27
CA GLY B 158 -0.56 19.36 26.29
C GLY B 158 -1.31 19.15 24.99
N GLU B 159 -0.85 19.69 23.88
CA GLU B 159 -1.50 19.52 22.62
C GLU B 159 -0.77 18.43 21.93
N ASN B 160 -1.51 17.68 21.11
CA ASN B 160 -0.94 16.56 20.36
C ASN B 160 -0.19 17.10 19.19
N ALA B 161 1.00 16.61 18.97
CA ALA B 161 1.85 17.03 17.88
C ALA B 161 1.91 15.91 16.88
N GLU B 162 1.79 16.27 15.63
CA GLU B 162 1.87 15.29 14.57
C GLU B 162 3.17 15.41 13.74
N VAL B 163 4.09 14.48 13.97
CA VAL B 163 5.39 14.41 13.29
C VAL B 163 5.42 13.56 12.02
N LEU B 164 6.27 13.92 11.07
CA LEU B 164 6.43 13.15 9.85
C LEU B 164 7.86 13.30 9.45
N ILE B 165 8.60 12.21 9.48
CA ILE B 165 10.00 12.23 9.15
C ILE B 165 10.20 11.37 7.93
N THR B 166 11.03 11.80 6.99
CA THR B 166 11.28 11.01 5.79
C THR B 166 12.73 11.10 5.33
N TYR B 167 13.24 10.01 4.78
CA TYR B 167 14.59 9.97 4.29
C TYR B 167 14.51 9.43 2.89
N ASP B 168 15.19 10.09 1.96
CA ASP B 168 15.21 9.69 0.55
C ASP B 168 16.63 9.29 0.15
N SER B 169 16.82 8.01 -0.15
CA SER B 169 18.11 7.37 -0.52
C SER B 169 18.86 8.05 -1.63
N SER B 170 18.14 8.45 -2.67
CA SER B 170 18.76 9.12 -3.81
C SER B 170 19.40 10.48 -3.44
N THR B 171 18.61 11.33 -2.80
CA THR B 171 19.07 12.63 -2.43
C THR B 171 19.70 12.69 -1.05
N ASN B 172 19.65 11.60 -0.28
CA ASN B 172 20.17 11.61 1.09
C ASN B 172 19.52 12.67 1.95
N LEU B 173 18.34 13.12 1.54
CA LEU B 173 17.66 14.16 2.26
C LEU B 173 16.81 13.65 3.42
N LEU B 174 17.08 14.12 4.64
CA LEU B 174 16.27 13.77 5.79
C LEU B 174 15.40 15.00 6.07
N VAL B 175 14.11 14.79 6.21
CA VAL B 175 13.18 15.89 6.41
C VAL B 175 12.15 15.67 7.52
N ALA B 176 12.21 16.46 8.58
CA ALA B 176 11.29 16.31 9.67
C ALA B 176 10.36 17.50 9.73
N SER B 177 9.07 17.23 9.96
CA SER B 177 8.07 18.27 10.09
C SER B 177 7.17 17.99 11.30
N LEU B 178 6.49 19.02 11.81
CA LEU B 178 5.63 18.84 12.97
C LEU B 178 4.50 19.81 12.84
N VAL B 179 3.29 19.42 13.27
CA VAL B 179 2.15 20.36 13.19
C VAL B 179 1.23 20.17 14.34
N TYR B 180 0.66 21.24 14.82
CA TYR B 180 -0.27 21.14 15.93
C TYR B 180 -1.63 21.35 15.26
N PRO B 181 -2.36 20.28 14.96
CA PRO B 181 -3.66 20.43 14.31
C PRO B 181 -4.56 21.41 15.06
N SER B 182 -4.44 21.44 16.37
CA SER B 182 -5.25 22.35 17.18
C SER B 182 -4.89 23.83 17.00
N GLN B 183 -3.59 24.12 16.87
CA GLN B 183 -3.10 25.48 16.70
C GLN B 183 -2.93 25.86 15.26
N LYS B 184 -2.83 24.87 14.41
CA LYS B 184 -2.61 25.04 12.98
C LYS B 184 -1.21 25.56 12.69
N THR B 185 -0.28 25.29 13.59
CA THR B 185 1.07 25.71 13.38
C THR B 185 1.84 24.55 12.77
N SER B 186 2.99 24.82 12.16
CA SER B 186 3.76 23.79 11.52
C SER B 186 5.22 24.22 11.48
N PHE B 187 6.15 23.28 11.44
CA PHE B 187 7.58 23.58 11.44
C PHE B 187 8.22 22.50 10.61
N ILE B 188 9.29 22.80 9.93
CA ILE B 188 9.96 21.79 9.15
C ILE B 188 11.48 21.98 9.19
N VAL B 189 12.27 20.93 8.98
CA VAL B 189 13.72 21.06 9.03
C VAL B 189 14.15 20.03 8.03
N SER B 190 15.27 20.24 7.35
CA SER B 190 15.76 19.27 6.37
C SER B 190 17.22 19.44 6.16
N ASP B 191 17.94 18.36 6.07
CA ASP B 191 19.35 18.43 5.84
C ASP B 191 19.73 17.10 5.21
N THR B 192 20.93 16.98 4.65
CA THR B 192 21.32 15.72 4.03
C THR B 192 22.12 14.91 5.04
N VAL B 193 21.85 13.61 5.13
CA VAL B 193 22.56 12.79 6.06
C VAL B 193 22.92 11.58 5.27
N ASP B 194 24.12 11.05 5.48
CA ASP B 194 24.51 9.85 4.77
C ASP B 194 24.44 8.68 5.74
N LEU B 195 23.36 7.92 5.66
CA LEU B 195 23.17 6.82 6.57
C LEU B 195 24.27 5.77 6.57
N LYS B 196 24.81 5.47 5.39
CA LYS B 196 25.90 4.47 5.30
C LYS B 196 27.10 4.85 6.12
N SER B 197 27.36 6.13 6.23
CA SER B 197 28.53 6.61 6.96
C SER B 197 28.47 6.44 8.44
N VAL B 198 27.30 6.64 9.02
CA VAL B 198 27.14 6.55 10.47
C VAL B 198 26.45 5.30 11.01
N LEU B 199 25.49 4.79 10.25
CA LEU B 199 24.71 3.64 10.69
C LEU B 199 25.16 2.27 10.23
N PRO B 200 24.89 1.25 11.06
CA PRO B 200 25.25 -0.12 10.73
C PRO B 200 24.14 -0.60 9.77
N GLU B 201 24.37 -1.69 9.04
CA GLU B 201 23.35 -2.14 8.09
C GLU B 201 21.97 -2.41 8.68
N TRP B 202 21.96 -2.93 9.90
CA TRP B 202 20.75 -3.27 10.63
C TRP B 202 20.65 -2.43 11.87
N VAL B 203 19.45 -1.91 12.14
CA VAL B 203 19.23 -1.09 13.31
C VAL B 203 17.87 -1.39 13.87
N SER B 204 17.69 -1.05 15.14
CA SER B 204 16.43 -1.17 15.85
C SER B 204 15.90 0.22 15.64
N VAL B 205 14.61 0.39 15.67
CA VAL B 205 14.04 1.70 15.40
C VAL B 205 13.03 2.10 16.48
N GLY B 206 13.00 3.34 16.92
CA GLY B 206 12.05 3.71 17.95
C GLY B 206 12.14 5.09 18.57
N PHE B 207 11.90 5.16 19.88
CA PHE B 207 11.93 6.42 20.60
C PHE B 207 12.77 6.43 21.86
N SER B 208 13.18 7.63 22.29
CA SER B 208 13.92 7.81 23.53
C SER B 208 13.50 9.12 24.13
N ALA B 209 13.46 9.23 25.43
CA ALA B 209 13.04 10.48 26.07
C ALA B 209 13.50 10.55 27.52
N THR B 210 13.63 11.75 28.07
CA THR B 210 14.11 11.91 29.44
C THR B 210 13.39 13.07 30.08
N THR B 211 13.43 13.19 31.40
CA THR B 211 12.84 14.34 32.04
C THR B 211 14.03 15.02 32.68
N GLY B 212 13.84 16.29 33.02
CA GLY B 212 14.89 17.08 33.61
C GLY B 212 15.42 16.44 34.85
N ILE B 213 16.69 16.66 35.12
CA ILE B 213 17.26 16.07 36.31
C ILE B 213 17.09 16.91 37.54
N ASN B 214 16.38 18.01 37.43
CA ASN B 214 16.20 18.84 38.60
C ASN B 214 14.75 19.17 38.77
N LYS B 215 14.34 19.08 39.99
CA LYS B 215 12.98 19.35 40.38
C LYS B 215 11.95 19.94 39.48
N GLY B 216 12.08 21.20 39.16
CA GLY B 216 11.04 21.85 38.38
C GLY B 216 11.01 21.70 36.89
N ASN B 217 11.82 20.79 36.37
CA ASN B 217 11.88 20.56 34.93
C ASN B 217 11.50 19.17 34.58
N VAL B 218 10.21 18.97 34.34
CA VAL B 218 9.69 17.63 34.01
C VAL B 218 8.51 17.74 33.05
N GLU B 219 8.29 16.71 32.25
CA GLU B 219 7.19 16.73 31.28
C GLU B 219 6.87 15.26 31.07
N THR B 220 5.72 14.95 30.49
CA THR B 220 5.39 13.57 30.21
C THR B 220 5.84 13.41 28.79
N ASN B 221 6.20 12.20 28.39
CA ASN B 221 6.60 11.97 27.02
C ASN B 221 5.85 10.78 26.45
N ASP B 222 4.71 11.05 25.80
CA ASP B 222 3.87 9.98 25.31
C ASP B 222 3.65 9.92 23.86
N VAL B 223 3.70 8.72 23.31
CA VAL B 223 3.46 8.50 21.89
C VAL B 223 2.12 7.75 21.84
N LEU B 224 1.23 8.25 21.01
CA LEU B 224 -0.08 7.73 20.86
C LEU B 224 -0.33 6.87 19.65
N SER B 225 0.54 6.95 18.66
CA SER B 225 0.39 6.14 17.46
C SER B 225 1.67 6.29 16.68
N TRP B 226 2.02 5.31 15.89
CA TRP B 226 3.26 5.32 15.17
C TRP B 226 3.15 4.46 13.93
N SER B 227 3.87 4.82 12.89
CA SER B 227 3.83 4.05 11.68
C SER B 227 5.19 4.19 11.02
N PHE B 228 5.76 3.09 10.60
CA PHE B 228 7.04 3.13 9.98
C PHE B 228 7.00 2.39 8.66
N ALA B 229 7.91 2.68 7.76
CA ALA B 229 7.91 2.04 6.44
C ALA B 229 9.28 2.25 5.84
N SER B 230 9.86 1.22 5.29
CA SER B 230 11.19 1.30 4.77
C SER B 230 11.26 0.40 3.56
N LYS B 231 11.89 0.89 2.50
CA LYS B 231 12.03 0.12 1.27
C LYS B 231 13.48 0.09 0.87
N LEU B 232 14.05 -1.09 0.85
CA LEU B 232 15.45 -1.21 0.51
C LEU B 232 15.60 -1.78 -0.83
N SER B 233 16.26 -1.02 -1.69
CA SER B 233 16.55 -1.39 -3.08
C SER B 233 15.23 -1.25 -3.83
N SER C 1 8.21 2.32 -11.85
CA SER C 1 6.82 2.24 -11.34
C SER C 1 5.93 3.32 -11.96
N ASN C 2 4.73 2.92 -12.37
CA ASN C 2 3.75 3.83 -12.93
C ASN C 2 2.49 3.14 -12.54
N ASP C 3 2.26 3.23 -11.25
CA ASP C 3 1.19 2.58 -10.55
C ASP C 3 -0.20 3.19 -10.57
N ILE C 4 -1.18 2.34 -10.32
CA ILE C 4 -2.57 2.74 -10.25
C ILE C 4 -3.22 1.75 -9.31
N TYR C 5 -4.20 2.20 -8.59
CA TYR C 5 -4.91 1.35 -7.71
C TYR C 5 -6.18 2.03 -7.34
N PHE C 6 -7.24 1.25 -7.26
CA PHE C 6 -8.51 1.79 -6.84
C PHE C 6 -9.32 0.72 -6.22
N ASN C 7 -10.34 1.12 -5.51
CA ASN C 7 -11.15 0.15 -4.83
C ASN C 7 -12.51 0.69 -4.54
N PHE C 8 -13.51 0.16 -5.22
CA PHE C 8 -14.87 0.61 -5.01
C PHE C 8 -15.65 -0.39 -4.20
N GLN C 9 -16.11 0.03 -3.03
CA GLN C 9 -16.95 -0.83 -2.24
C GLN C 9 -18.42 -0.48 -2.53
N ARG C 10 -18.63 0.46 -3.45
CA ARG C 10 -19.95 0.91 -3.87
C ARG C 10 -19.75 1.77 -5.13
N PHE C 11 -20.44 1.42 -6.18
CA PHE C 11 -20.32 2.11 -7.43
C PHE C 11 -21.12 3.38 -7.56
N ASN C 12 -20.63 4.22 -8.45
CA ASN C 12 -21.25 5.50 -8.77
C ASN C 12 -20.88 5.66 -10.24
N GLU C 13 -21.81 6.19 -11.02
CA GLU C 13 -21.58 6.32 -12.43
C GLU C 13 -20.64 7.41 -12.88
N THR C 14 -20.19 8.27 -11.97
CA THR C 14 -19.36 9.36 -12.43
C THR C 14 -17.94 9.00 -12.90
N ASN C 15 -17.38 7.89 -12.40
CA ASN C 15 -16.04 7.50 -12.82
C ASN C 15 -16.04 6.19 -13.61
N LEU C 16 -17.18 5.93 -14.26
CA LEU C 16 -17.41 4.71 -15.03
C LEU C 16 -17.91 5.05 -16.40
N ILE C 17 -17.58 4.19 -17.35
CA ILE C 17 -18.08 4.33 -18.73
C ILE C 17 -19.10 3.19 -18.87
N LEU C 18 -20.37 3.54 -19.01
CA LEU C 18 -21.41 2.55 -19.12
C LEU C 18 -21.85 2.37 -20.57
N GLN C 19 -21.98 1.12 -20.99
CA GLN C 19 -22.42 0.86 -22.35
C GLN C 19 -23.67 -0.01 -22.35
N ARG C 20 -24.62 0.37 -23.20
CA ARG C 20 -25.88 -0.30 -23.39
C ARG C 20 -26.63 -0.40 -22.07
N ASP C 21 -27.03 -1.60 -21.65
CA ASP C 21 -27.86 -1.76 -20.44
C ASP C 21 -27.21 -1.65 -19.07
N ALA C 22 -25.88 -1.44 -19.05
CA ALA C 22 -25.16 -1.34 -17.78
C ALA C 22 -25.69 -0.16 -17.04
N SER C 23 -25.76 -0.27 -15.73
CA SER C 23 -26.26 0.84 -14.93
C SER C 23 -25.88 0.66 -13.46
N VAL C 24 -25.91 1.73 -12.66
CA VAL C 24 -25.55 1.60 -11.25
C VAL C 24 -26.82 1.79 -10.47
N SER C 25 -27.10 0.89 -9.55
CA SER C 25 -28.34 0.97 -8.80
C SER C 25 -28.24 1.98 -7.71
N SER C 26 -29.39 2.34 -7.16
CA SER C 26 -29.48 3.30 -6.08
C SER C 26 -28.68 2.83 -4.87
N SER C 27 -28.41 1.53 -4.85
CA SER C 27 -27.66 0.95 -3.75
C SER C 27 -26.16 0.84 -4.13
N GLY C 28 -25.80 1.41 -5.27
CA GLY C 28 -24.42 1.35 -5.68
C GLY C 28 -23.90 0.02 -6.15
N GLN C 29 -24.70 -0.69 -6.93
CA GLN C 29 -24.27 -1.97 -7.44
C GLN C 29 -24.19 -1.82 -8.89
N LEU C 30 -23.14 -2.37 -9.46
CA LEU C 30 -23.01 -2.24 -10.90
C LEU C 30 -23.86 -3.36 -11.43
N ARG C 31 -24.86 -2.99 -12.20
CA ARG C 31 -25.76 -3.95 -12.77
C ARG C 31 -25.53 -3.96 -14.26
N LEU C 32 -24.79 -4.96 -14.70
CA LEU C 32 -24.47 -5.08 -16.13
C LEU C 32 -25.61 -5.34 -17.10
N THR C 33 -26.69 -5.98 -16.64
CA THR C 33 -27.83 -6.27 -17.50
C THR C 33 -29.20 -5.88 -16.91
N ASN C 34 -30.11 -5.58 -17.85
CA ASN C 34 -31.49 -5.17 -17.63
C ASN C 34 -32.48 -6.06 -16.89
N LEU C 35 -33.68 -5.46 -16.76
CA LEU C 35 -34.89 -6.04 -16.18
C LEU C 35 -35.97 -5.61 -17.16
N ASN C 36 -37.18 -6.17 -17.05
CA ASN C 36 -38.30 -5.84 -17.96
C ASN C 36 -39.59 -5.53 -17.22
N ASN C 38 -40.64 -7.65 -15.66
CA ASN C 38 -41.04 -6.92 -14.44
C ASN C 38 -40.16 -7.36 -13.29
N GLY C 39 -38.93 -6.83 -13.24
CA GLY C 39 -38.00 -7.17 -12.17
C GLY C 39 -37.25 -8.47 -12.43
N GLU C 40 -37.53 -9.02 -13.59
CA GLU C 40 -36.95 -10.26 -14.03
C GLU C 40 -35.87 -9.88 -15.03
N PRO C 41 -34.79 -10.67 -15.07
CA PRO C 41 -33.72 -10.39 -16.02
C PRO C 41 -34.28 -10.31 -17.44
N ARG C 42 -34.04 -9.19 -18.11
CA ARG C 42 -34.50 -9.01 -19.46
C ARG C 42 -33.76 -9.95 -20.39
N VAL C 43 -34.41 -10.39 -21.44
CA VAL C 43 -33.81 -11.30 -22.41
C VAL C 43 -33.02 -10.47 -23.43
N GLY C 44 -31.94 -11.04 -23.95
CA GLY C 44 -31.12 -10.33 -24.93
C GLY C 44 -30.48 -9.08 -24.40
N SER C 45 -30.19 -9.04 -23.09
CA SER C 45 -29.58 -7.87 -22.50
C SER C 45 -28.07 -7.95 -22.72
N LEU C 46 -27.44 -6.78 -22.86
CA LEU C 46 -25.97 -6.63 -23.05
C LEU C 46 -25.52 -5.35 -22.32
N GLY C 47 -24.57 -5.48 -21.40
CA GLY C 47 -24.12 -4.30 -20.69
C GLY C 47 -22.64 -4.36 -20.39
N ARG C 48 -21.94 -3.27 -20.65
CA ARG C 48 -20.51 -3.19 -20.37
C ARG C 48 -20.23 -1.97 -19.47
N ALA C 49 -19.19 -2.03 -18.65
CA ALA C 49 -18.84 -0.94 -17.74
C ALA C 49 -17.34 -0.91 -17.56
N PHE C 50 -16.72 0.26 -17.73
CA PHE C 50 -15.28 0.36 -17.56
C PHE C 50 -14.92 1.51 -16.67
N TYR C 51 -13.72 1.42 -16.06
CA TYR C 51 -13.22 2.50 -15.22
C TYR C 51 -12.86 3.59 -16.22
N SER C 52 -13.24 4.84 -15.93
CA SER C 52 -12.97 5.98 -16.82
C SER C 52 -11.52 6.39 -17.21
N ALA C 53 -10.50 6.05 -16.44
CA ALA C 53 -9.16 6.42 -16.88
C ALA C 53 -8.52 5.22 -17.52
N PRO C 54 -7.92 5.41 -18.69
CA PRO C 54 -7.25 4.36 -19.41
C PRO C 54 -6.08 3.94 -18.54
N ILE C 55 -5.68 2.70 -18.74
CA ILE C 55 -4.58 2.11 -17.99
C ILE C 55 -3.52 1.73 -18.99
N GLN C 56 -2.27 1.94 -18.65
CA GLN C 56 -1.25 1.56 -19.56
C GLN C 56 -0.81 0.17 -19.17
N ILE C 57 -1.08 -0.78 -20.05
CA ILE C 57 -0.75 -2.15 -19.75
C ILE C 57 0.69 -2.50 -20.14
N TRP C 58 1.20 -1.84 -21.15
CA TRP C 58 2.59 -2.10 -21.53
C TRP C 58 3.18 -0.92 -22.32
N ASP C 59 4.49 -0.94 -22.46
CA ASP C 59 5.17 0.15 -23.12
C ASP C 59 6.06 -0.34 -24.27
N ASN C 60 5.82 0.16 -25.48
CA ASN C 60 6.63 -0.28 -26.60
C ASN C 60 8.03 0.27 -26.57
N THR C 61 8.21 1.45 -25.98
CA THR C 61 9.54 2.07 -25.95
C THR C 61 10.47 1.39 -24.97
N THR C 62 9.95 0.94 -23.84
CA THR C 62 10.77 0.26 -22.86
C THR C 62 10.67 -1.25 -23.02
N GLY C 63 9.60 -1.67 -23.70
CA GLY C 63 9.35 -3.08 -23.92
C GLY C 63 8.85 -3.77 -22.66
N THR C 64 8.40 -2.99 -21.68
CA THR C 64 7.90 -3.57 -20.44
C THR C 64 6.38 -3.80 -20.39
N VAL C 65 5.97 -4.74 -19.52
CA VAL C 65 4.57 -5.05 -19.33
C VAL C 65 4.24 -4.89 -17.87
N ALA C 66 3.02 -4.45 -17.59
CA ALA C 66 2.58 -4.26 -16.21
C ALA C 66 2.07 -5.54 -15.57
N SER C 67 2.21 -5.61 -14.27
CA SER C 67 1.66 -6.75 -13.55
C SER C 67 0.36 -6.15 -13.03
N PHE C 68 -0.63 -6.99 -12.81
CA PHE C 68 -1.85 -6.43 -12.26
C PHE C 68 -2.63 -7.46 -11.50
N ALA C 69 -3.64 -6.99 -10.79
CA ALA C 69 -4.47 -7.84 -9.99
C ALA C 69 -5.75 -7.11 -9.85
N THR C 70 -6.81 -7.86 -9.68
CA THR C 70 -8.11 -7.25 -9.53
C THR C 70 -8.93 -8.22 -8.77
N SER C 71 -9.96 -7.73 -8.13
CA SER C 71 -10.79 -8.63 -7.38
C SER C 71 -12.14 -8.02 -7.34
N PHE C 72 -13.17 -8.83 -7.46
CA PHE C 72 -14.53 -8.34 -7.43
C PHE C 72 -15.45 -9.42 -6.92
N THR C 73 -16.61 -8.96 -6.51
CA THR C 73 -17.64 -9.81 -5.97
C THR C 73 -18.86 -9.64 -6.85
N PHE C 74 -19.28 -10.73 -7.48
CA PHE C 74 -20.44 -10.64 -8.30
C PHE C 74 -21.49 -11.58 -7.80
N ASN C 75 -22.70 -11.33 -8.24
CA ASN C 75 -23.79 -12.16 -7.84
C ASN C 75 -24.67 -12.38 -9.03
N ILE C 76 -24.81 -13.64 -9.46
CA ILE C 76 -25.68 -14.00 -10.59
C ILE C 76 -26.90 -14.71 -10.04
N GLN C 77 -28.10 -14.24 -10.40
CA GLN C 77 -29.33 -14.85 -9.89
C GLN C 77 -30.25 -15.25 -11.00
N VAL C 78 -30.66 -16.52 -11.02
CA VAL C 78 -31.57 -16.95 -12.08
C VAL C 78 -32.97 -17.02 -11.51
N PRO C 79 -33.94 -16.47 -12.24
CA PRO C 79 -35.32 -16.52 -11.75
C PRO C 79 -35.88 -17.96 -11.80
N ASN C 80 -36.88 -18.25 -10.96
CA ASN C 80 -37.48 -19.58 -10.91
C ASN C 80 -38.00 -20.05 -12.25
N ASN C 81 -37.73 -21.33 -12.52
CA ASN C 81 -38.17 -21.93 -13.77
C ASN C 81 -37.59 -21.11 -14.92
N ALA C 82 -36.25 -21.10 -14.96
CA ALA C 82 -35.42 -20.44 -15.95
C ALA C 82 -34.02 -20.99 -15.74
N GLY C 83 -33.18 -20.82 -16.76
CA GLY C 83 -31.80 -21.28 -16.71
C GLY C 83 -30.78 -20.15 -16.89
N PRO C 84 -29.58 -20.32 -16.33
CA PRO C 84 -28.52 -19.34 -16.42
C PRO C 84 -28.13 -19.12 -17.85
N ALA C 85 -27.86 -17.88 -18.18
CA ALA C 85 -27.41 -17.53 -19.49
C ALA C 85 -27.23 -16.03 -19.42
N ASP C 86 -26.20 -15.51 -20.07
CA ASP C 86 -25.23 -16.27 -20.86
C ASP C 86 -23.85 -16.29 -20.17
N GLY C 87 -23.57 -15.28 -19.34
CA GLY C 87 -22.29 -15.20 -18.64
C GLY C 87 -21.83 -13.80 -18.26
N LEU C 88 -20.68 -13.74 -17.60
CA LEU C 88 -20.11 -12.48 -17.14
C LEU C 88 -18.61 -12.57 -17.31
N ALA C 89 -17.99 -11.45 -17.66
CA ALA C 89 -16.56 -11.44 -17.87
C ALA C 89 -15.88 -10.17 -17.48
N PHE C 90 -14.65 -10.30 -17.03
CA PHE C 90 -13.83 -9.15 -16.71
C PHE C 90 -12.93 -9.02 -17.93
N ALA C 91 -12.81 -7.82 -18.48
CA ALA C 91 -12.01 -7.67 -19.69
C ALA C 91 -11.09 -6.48 -19.75
N LEU C 92 -10.03 -6.64 -20.53
CA LEU C 92 -9.04 -5.59 -20.82
C LEU C 92 -9.29 -5.38 -22.29
N VAL C 93 -9.69 -4.18 -22.63
CA VAL C 93 -10.11 -3.85 -23.98
C VAL C 93 -9.48 -2.55 -24.53
N PRO C 94 -9.49 -2.35 -25.85
CA PRO C 94 -8.92 -1.13 -26.46
C PRO C 94 -9.70 0.07 -25.94
N VAL C 95 -9.06 1.23 -25.85
CA VAL C 95 -9.72 2.38 -25.25
C VAL C 95 -11.12 2.83 -25.69
N GLY C 96 -11.36 3.02 -26.98
CA GLY C 96 -12.72 3.43 -27.28
C GLY C 96 -13.64 2.26 -27.64
N SER C 97 -13.17 1.05 -27.37
CA SER C 97 -13.89 -0.18 -27.69
C SER C 97 -15.40 -0.08 -27.49
N GLN C 98 -16.13 -0.51 -28.52
CA GLN C 98 -17.57 -0.52 -28.44
C GLN C 98 -18.04 -1.99 -28.27
N PRO C 99 -19.27 -2.22 -27.77
CA PRO C 99 -19.80 -3.59 -27.58
C PRO C 99 -19.85 -4.47 -28.85
N LYS C 100 -19.74 -5.80 -28.68
CA LYS C 100 -19.81 -6.73 -29.81
C LYS C 100 -21.12 -7.54 -29.77
N ASP C 101 -21.07 -8.84 -30.07
CA ASP C 101 -22.31 -9.63 -30.08
C ASP C 101 -22.93 -9.92 -28.75
N LYS C 102 -24.23 -10.24 -28.77
CA LYS C 102 -25.02 -10.58 -27.56
C LYS C 102 -24.90 -12.06 -27.18
N GLY C 103 -25.69 -12.46 -26.19
CA GLY C 103 -25.62 -13.84 -25.73
C GLY C 103 -24.23 -14.46 -25.56
N GLY C 104 -24.02 -15.58 -26.23
CA GLY C 104 -22.77 -16.33 -26.12
C GLY C 104 -21.50 -15.59 -26.35
N PHE C 105 -21.60 -14.42 -26.97
CA PHE C 105 -20.40 -13.68 -27.19
C PHE C 105 -20.05 -12.77 -26.07
N LEU C 106 -20.87 -12.78 -25.03
CA LEU C 106 -20.63 -11.99 -23.83
C LEU C 106 -20.43 -10.50 -24.08
N GLY C 107 -20.72 -10.03 -25.29
CA GLY C 107 -20.56 -8.63 -25.59
C GLY C 107 -19.13 -8.28 -26.03
N LEU C 108 -18.22 -9.22 -25.85
CA LEU C 108 -16.81 -9.07 -26.16
C LEU C 108 -16.35 -9.56 -27.50
N PHE C 109 -17.04 -10.54 -28.09
CA PHE C 109 -16.62 -11.08 -29.39
C PHE C 109 -17.63 -11.12 -30.53
N ASP C 110 -17.13 -11.49 -31.70
CA ASP C 110 -17.89 -11.49 -32.94
C ASP C 110 -18.10 -12.78 -33.70
N GLY C 111 -17.08 -13.63 -33.70
CA GLY C 111 -17.21 -14.85 -34.48
C GLY C 111 -16.79 -14.51 -35.91
N SER C 112 -16.36 -13.28 -36.09
CA SER C 112 -15.86 -12.82 -37.36
C SER C 112 -14.36 -12.95 -37.15
N ASN C 113 -13.56 -12.45 -38.07
CA ASN C 113 -12.15 -12.65 -37.80
C ASN C 113 -11.31 -11.41 -37.54
N SER C 114 -11.98 -10.43 -36.97
CA SER C 114 -11.36 -9.19 -36.62
C SER C 114 -10.55 -9.48 -35.37
N ASN C 115 -9.36 -8.86 -35.27
CA ASN C 115 -8.52 -8.98 -34.09
C ASN C 115 -9.23 -8.00 -33.15
N PHE C 116 -9.66 -8.48 -32.00
CA PHE C 116 -10.39 -7.62 -31.07
C PHE C 116 -9.47 -7.00 -30.05
N HIS C 117 -8.22 -7.46 -30.04
CA HIS C 117 -7.23 -6.96 -29.09
C HIS C 117 -7.86 -6.98 -27.71
N THR C 118 -8.51 -8.11 -27.40
CA THR C 118 -9.20 -8.24 -26.14
C THR C 118 -8.71 -9.44 -25.39
N VAL C 119 -8.69 -9.31 -24.08
CA VAL C 119 -8.29 -10.41 -23.24
C VAL C 119 -9.33 -10.34 -22.14
N ALA C 120 -9.88 -11.49 -21.77
CA ALA C 120 -10.94 -11.55 -20.75
C ALA C 120 -10.95 -12.86 -20.03
N VAL C 121 -11.55 -12.84 -18.86
CA VAL C 121 -11.71 -14.03 -18.05
C VAL C 121 -13.23 -14.13 -17.94
N GLU C 122 -13.79 -15.20 -18.49
CA GLU C 122 -15.24 -15.35 -18.48
C GLU C 122 -15.73 -16.29 -17.43
N PHE C 123 -16.97 -16.05 -17.07
CA PHE C 123 -17.68 -16.89 -16.12
C PHE C 123 -18.90 -17.26 -16.91
N ASP C 124 -18.73 -18.34 -17.69
CA ASP C 124 -19.72 -18.90 -18.64
C ASP C 124 -20.82 -19.80 -18.05
N THR C 125 -22.07 -19.35 -18.15
CA THR C 125 -23.15 -20.11 -17.54
C THR C 125 -23.99 -20.86 -18.56
N LEU C 126 -23.54 -20.93 -19.79
CA LEU C 126 -24.30 -21.62 -20.78
C LEU C 126 -23.45 -22.27 -21.84
N TYR C 127 -23.71 -23.54 -22.10
CA TYR C 127 -22.97 -24.32 -23.08
C TYR C 127 -23.29 -23.87 -24.48
N ASN C 128 -22.27 -23.63 -25.27
CA ASN C 128 -22.46 -23.25 -26.66
C ASN C 128 -21.75 -24.35 -27.41
N LYS C 129 -22.55 -25.28 -27.92
CA LYS C 129 -22.07 -26.42 -28.69
C LYS C 129 -20.79 -26.16 -29.49
N ASP C 130 -20.79 -25.07 -30.26
CA ASP C 130 -19.68 -24.72 -31.15
C ASP C 130 -18.29 -24.53 -30.59
N TRP C 131 -18.18 -24.14 -29.33
CA TRP C 131 -16.84 -23.88 -28.77
C TRP C 131 -16.71 -24.11 -27.28
N ASP C 132 -17.84 -24.14 -26.59
CA ASP C 132 -17.79 -24.30 -25.16
C ASP C 132 -17.60 -25.71 -24.73
N PRO C 133 -17.03 -25.90 -23.53
CA PRO C 133 -16.85 -27.23 -22.96
C PRO C 133 -18.28 -27.57 -22.43
N THR C 134 -18.51 -28.83 -22.12
CA THR C 134 -19.82 -29.23 -21.67
C THR C 134 -20.31 -28.62 -20.39
N GLU C 135 -19.41 -28.36 -19.45
CA GLU C 135 -19.84 -27.79 -18.18
C GLU C 135 -19.55 -26.31 -18.00
N ARG C 136 -20.31 -25.69 -17.11
CA ARG C 136 -20.12 -24.29 -16.80
C ARG C 136 -18.68 -24.14 -16.35
N HIS C 137 -18.04 -23.14 -16.90
CA HIS C 137 -16.62 -22.95 -16.64
C HIS C 137 -16.17 -21.51 -16.41
N ILE C 138 -14.95 -21.39 -15.91
CA ILE C 138 -14.28 -20.11 -15.77
C ILE C 138 -13.30 -20.30 -16.95
N GLY C 139 -13.16 -19.29 -17.81
CA GLY C 139 -12.23 -19.48 -18.93
C GLY C 139 -11.40 -18.24 -19.25
N ILE C 140 -10.18 -18.45 -19.75
CA ILE C 140 -9.29 -17.36 -20.15
C ILE C 140 -9.44 -17.20 -21.65
N ASP C 141 -10.01 -16.10 -22.09
CA ASP C 141 -10.20 -15.83 -23.52
C ASP C 141 -9.19 -14.82 -24.04
N VAL C 142 -8.51 -15.16 -25.13
CA VAL C 142 -7.56 -14.27 -25.70
C VAL C 142 -7.92 -14.08 -27.12
N ASN C 143 -8.63 -12.99 -27.41
CA ASN C 143 -9.05 -12.64 -28.77
C ASN C 143 -10.13 -13.53 -29.39
N SER C 144 -10.68 -14.46 -28.59
CA SER C 144 -11.72 -15.38 -29.08
C SER C 144 -12.62 -15.91 -27.96
N ILE C 145 -13.92 -16.02 -28.25
CA ILE C 145 -14.88 -16.54 -27.28
C ILE C 145 -14.60 -18.03 -26.98
N ARG C 146 -13.59 -18.58 -27.65
CA ARG C 146 -13.16 -19.94 -27.44
C ARG C 146 -12.00 -19.91 -26.47
N SER C 147 -12.30 -19.98 -25.20
CA SER C 147 -11.28 -19.94 -24.20
C SER C 147 -10.07 -20.77 -24.48
N ILE C 148 -8.93 -20.16 -24.24
CA ILE C 148 -7.65 -20.79 -24.44
C ILE C 148 -7.44 -21.89 -23.42
N LYS C 149 -8.25 -21.85 -22.38
CA LYS C 149 -8.11 -22.82 -21.32
C LYS C 149 -9.27 -22.56 -20.39
N THR C 150 -9.70 -23.58 -19.66
CA THR C 150 -10.85 -23.47 -18.75
C THR C 150 -10.78 -24.44 -17.58
N THR C 151 -11.78 -24.32 -16.72
CA THR C 151 -11.89 -25.17 -15.57
C THR C 151 -13.37 -25.25 -15.19
N ARG C 152 -13.77 -26.42 -14.68
CA ARG C 152 -15.14 -26.64 -14.29
C ARG C 152 -15.45 -25.69 -13.17
N TRP C 153 -16.61 -25.07 -13.29
CA TRP C 153 -17.10 -24.15 -12.30
C TRP C 153 -18.48 -24.61 -11.87
N ASP C 154 -18.64 -24.83 -10.59
CA ASP C 154 -19.93 -25.22 -10.08
C ASP C 154 -20.79 -24.03 -9.72
N PHE C 155 -21.44 -23.50 -10.73
CA PHE C 155 -22.32 -22.35 -10.51
C PHE C 155 -23.35 -22.59 -9.43
N VAL C 156 -23.35 -21.76 -8.43
CA VAL C 156 -24.34 -21.80 -7.35
C VAL C 156 -25.17 -20.53 -7.56
N ASN C 157 -26.47 -20.68 -7.73
CA ASN C 157 -27.35 -19.53 -7.98
C ASN C 157 -27.62 -18.61 -6.82
N GLY C 158 -27.46 -17.31 -7.08
CA GLY C 158 -27.72 -16.30 -6.08
C GLY C 158 -26.74 -16.12 -4.93
N GLU C 159 -25.66 -16.90 -4.92
CA GLU C 159 -24.64 -16.76 -3.89
C GLU C 159 -23.62 -15.82 -4.47
N ASN C 160 -22.99 -15.05 -3.57
CA ASN C 160 -21.93 -14.09 -3.95
C ASN C 160 -20.67 -14.87 -4.22
N ALA C 161 -20.05 -14.58 -5.36
CA ALA C 161 -18.81 -15.22 -5.76
C ALA C 161 -17.70 -14.22 -5.57
N GLU C 162 -16.57 -14.69 -5.02
CA GLU C 162 -15.41 -13.82 -4.84
C GLU C 162 -14.27 -14.18 -5.80
N VAL C 163 -14.10 -13.34 -6.83
CA VAL C 163 -13.05 -13.52 -7.87
C VAL C 163 -11.75 -12.81 -7.59
N LEU C 164 -10.65 -13.42 -8.03
CA LEU C 164 -9.31 -12.84 -7.88
C LEU C 164 -8.51 -13.23 -9.10
N ILE C 165 -8.19 -12.24 -9.92
CA ILE C 165 -7.42 -12.46 -11.14
C ILE C 165 -6.10 -11.75 -10.99
N THR C 166 -5.01 -12.38 -11.42
CA THR C 166 -3.69 -11.78 -11.32
C THR C 166 -2.79 -12.11 -12.52
N TYR C 167 -2.06 -11.10 -12.98
CA TYR C 167 -1.13 -11.26 -14.09
C TYR C 167 0.28 -10.87 -13.62
N ASP C 168 1.25 -11.72 -13.90
CA ASP C 168 2.62 -11.49 -13.50
C ASP C 168 3.47 -11.35 -14.77
N SER C 169 4.02 -10.15 -14.97
CA SER C 169 4.87 -9.75 -16.11
C SER C 169 6.03 -10.66 -16.41
N SER C 170 6.75 -11.02 -15.35
CA SER C 170 7.90 -11.88 -15.50
C SER C 170 7.60 -13.25 -16.09
N THR C 171 6.65 -13.94 -15.45
CA THR C 171 6.23 -15.29 -15.86
C THR C 171 5.11 -15.29 -16.90
N ASN C 172 4.52 -14.13 -17.19
CA ASN C 172 3.39 -14.04 -18.13
C ASN C 172 2.19 -14.90 -17.71
N LEU C 173 2.17 -15.29 -16.44
CA LEU C 173 1.11 -16.11 -15.91
C LEU C 173 -0.15 -15.39 -15.55
N LEU C 174 -1.25 -15.73 -16.20
CA LEU C 174 -2.55 -15.17 -15.83
C LEU C 174 -3.24 -16.24 -14.95
N VAL C 175 -3.78 -15.85 -13.80
CA VAL C 175 -4.39 -16.81 -12.88
C VAL C 175 -5.71 -16.34 -12.30
N ALA C 176 -6.78 -17.07 -12.60
CA ALA C 176 -8.09 -16.68 -12.09
C ALA C 176 -8.58 -17.71 -11.10
N SER C 177 -9.23 -17.24 -10.04
CA SER C 177 -9.76 -18.10 -9.01
C SER C 177 -11.10 -17.55 -8.53
N LEU C 178 -11.95 -18.43 -7.99
CA LEU C 178 -13.27 -18.03 -7.53
C LEU C 178 -13.60 -18.85 -6.30
N VAL C 179 -14.29 -18.24 -5.35
CA VAL C 179 -14.70 -18.99 -4.17
C VAL C 179 -16.07 -18.55 -3.70
N TYR C 180 -16.86 -19.49 -3.20
CA TYR C 180 -18.18 -19.14 -2.70
C TYR C 180 -17.97 -19.26 -1.20
N PRO C 181 -17.85 -18.12 -0.51
CA PRO C 181 -17.62 -18.15 0.93
C PRO C 181 -18.71 -18.94 1.65
N SER C 182 -19.93 -18.85 1.10
CA SER C 182 -21.10 -19.55 1.66
C SER C 182 -21.00 -21.07 1.52
N GLN C 183 -20.52 -21.56 0.37
CA GLN C 183 -20.39 -22.98 0.10
C GLN C 183 -19.05 -23.53 0.45
N LYS C 184 -18.07 -22.64 0.57
CA LYS C 184 -16.68 -23.01 0.84
C LYS C 184 -16.03 -23.72 -0.32
N THR C 185 -16.54 -23.47 -1.51
CA THR C 185 -15.97 -24.10 -2.69
C THR C 185 -15.01 -23.11 -3.32
N SER C 186 -14.15 -23.60 -4.19
CA SER C 186 -13.14 -22.76 -4.83
C SER C 186 -12.69 -23.38 -6.15
N PHE C 187 -12.35 -22.55 -7.11
CA PHE C 187 -11.92 -23.02 -8.44
C PHE C 187 -10.79 -22.13 -8.92
N ILE C 188 -9.86 -22.65 -9.67
CA ILE C 188 -8.75 -21.86 -10.13
C ILE C 188 -8.32 -22.27 -11.53
N VAL C 189 -7.81 -21.33 -12.32
CA VAL C 189 -7.38 -21.63 -13.68
C VAL C 189 -6.15 -20.79 -13.83
N SER C 190 -5.23 -21.24 -14.66
CA SER C 190 -4.02 -20.50 -14.88
C SER C 190 -3.37 -20.89 -16.19
N ASP C 191 -2.96 -19.92 -16.99
CA ASP C 191 -2.28 -20.18 -18.24
C ASP C 191 -1.39 -18.96 -18.50
N THR C 192 -0.44 -19.11 -19.42
CA THR C 192 0.44 -18.01 -19.75
C THR C 192 -0.13 -17.25 -20.92
N VAL C 193 -0.20 -15.92 -20.78
CA VAL C 193 -0.71 -15.06 -21.83
C VAL C 193 0.35 -13.97 -22.03
N ASP C 194 0.59 -13.60 -23.27
CA ASP C 194 1.54 -12.54 -23.56
C ASP C 194 0.75 -11.29 -23.91
N LEU C 195 0.59 -10.41 -22.94
CA LEU C 195 -0.19 -9.22 -23.20
C LEU C 195 0.30 -8.37 -24.35
N LYS C 196 1.63 -8.25 -24.50
CA LYS C 196 2.21 -7.46 -25.59
C LYS C 196 1.74 -7.88 -26.95
N SER C 197 1.60 -9.18 -27.14
CA SER C 197 1.18 -9.71 -28.42
C SER C 197 -0.24 -9.37 -28.83
N VAL C 198 -1.16 -9.35 -27.88
CA VAL C 198 -2.56 -9.08 -28.23
C VAL C 198 -3.15 -7.73 -27.89
N LEU C 199 -2.69 -7.15 -26.79
CA LEU C 199 -3.23 -5.87 -26.33
C LEU C 199 -2.45 -4.66 -26.74
N PRO C 200 -3.13 -3.51 -26.82
CA PRO C 200 -2.52 -2.22 -27.17
C PRO C 200 -1.89 -1.71 -25.86
N GLU C 201 -0.98 -0.75 -25.93
CA GLU C 201 -0.33 -0.24 -24.72
C GLU C 201 -1.28 0.27 -23.67
N TRP C 202 -2.36 0.88 -24.14
CA TRP C 202 -3.36 1.46 -23.26
C TRP C 202 -4.68 0.79 -23.50
N VAL C 203 -5.38 0.50 -22.41
CA VAL C 203 -6.66 -0.21 -22.48
C VAL C 203 -7.57 0.35 -21.45
N SER C 204 -8.87 0.17 -21.68
CA SER C 204 -9.90 0.53 -20.72
C SER C 204 -10.05 -0.82 -19.97
N VAL C 205 -10.51 -0.80 -18.72
CA VAL C 205 -10.61 -2.00 -17.93
C VAL C 205 -12.00 -2.11 -17.27
N GLY C 206 -12.54 -3.33 -17.26
CA GLY C 206 -13.85 -3.53 -16.68
C GLY C 206 -14.58 -4.84 -16.88
N PHE C 207 -15.89 -4.74 -17.06
CA PHE C 207 -16.78 -5.88 -17.19
C PHE C 207 -17.74 -5.86 -18.38
N SER C 208 -18.19 -7.04 -18.78
CA SER C 208 -19.13 -7.19 -19.89
C SER C 208 -20.01 -8.38 -19.54
N ALA C 209 -21.27 -8.33 -19.94
CA ALA C 209 -22.21 -9.40 -19.59
C ALA C 209 -23.44 -9.40 -20.49
N THR C 210 -24.01 -10.58 -20.69
CA THR C 210 -25.18 -10.73 -21.56
C THR C 210 -26.16 -11.73 -20.98
N THR C 211 -27.43 -11.67 -21.39
CA THR C 211 -28.40 -12.67 -20.97
C THR C 211 -28.72 -13.43 -22.24
N GLY C 212 -29.25 -14.63 -22.06
CA GLY C 212 -29.57 -15.49 -23.17
C GLY C 212 -30.51 -14.79 -24.08
N ILE C 213 -30.42 -15.15 -25.34
CA ILE C 213 -31.29 -14.53 -26.32
C ILE C 213 -32.62 -15.22 -26.47
N ASN C 214 -32.88 -16.25 -25.68
CA ASN C 214 -34.12 -16.97 -25.78
C ASN C 214 -34.78 -17.04 -24.43
N LYS C 215 -36.05 -16.75 -24.44
CA LYS C 215 -36.88 -16.75 -23.26
C LYS C 215 -36.45 -17.28 -21.92
N GLY C 216 -36.18 -18.55 -21.84
CA GLY C 216 -35.88 -19.05 -20.51
C GLY C 216 -34.48 -19.11 -20.05
N ASN C 217 -33.63 -18.42 -20.78
CA ASN C 217 -32.23 -18.34 -20.43
C ASN C 217 -31.85 -16.92 -20.03
N VAL C 218 -31.97 -16.61 -18.75
CA VAL C 218 -31.63 -15.28 -18.28
C VAL C 218 -31.10 -15.35 -16.85
N GLU C 219 -30.26 -14.39 -16.49
CA GLU C 219 -29.71 -14.33 -15.13
C GLU C 219 -29.44 -12.85 -14.94
N THR C 220 -29.24 -12.41 -13.70
CA THR C 220 -28.90 -11.01 -13.44
C THR C 220 -27.38 -11.06 -13.38
N ASN C 221 -26.71 -9.98 -13.76
CA ASN C 221 -25.23 -9.95 -13.71
C ASN C 221 -24.76 -8.73 -12.93
N ASP C 222 -24.59 -8.90 -11.63
CA ASP C 222 -24.21 -7.78 -10.79
C ASP C 222 -22.88 -7.81 -10.12
N VAL C 223 -22.18 -6.67 -10.15
CA VAL C 223 -20.90 -6.57 -9.46
C VAL C 223 -21.17 -5.71 -8.25
N LEU C 224 -20.67 -6.19 -7.11
CA LEU C 224 -20.87 -5.53 -5.81
C LEU C 224 -19.70 -4.72 -5.23
N SER C 225 -18.51 -5.03 -5.70
CA SER C 225 -17.32 -4.34 -5.27
C SER C 225 -16.21 -4.75 -6.25
N TRP C 226 -15.24 -3.86 -6.46
CA TRP C 226 -14.17 -4.10 -7.40
C TRP C 226 -12.94 -3.39 -6.95
N SER C 227 -11.81 -3.97 -7.27
CA SER C 227 -10.58 -3.35 -6.91
C SER C 227 -9.53 -3.76 -7.95
N PHE C 228 -8.84 -2.76 -8.50
CA PHE C 228 -7.83 -2.99 -9.50
C PHE C 228 -6.51 -2.40 -9.08
N ALA C 229 -5.44 -2.96 -9.62
CA ALA C 229 -4.10 -2.49 -9.30
C ALA C 229 -3.15 -2.89 -10.38
N SER C 230 -2.38 -1.94 -10.87
CA SER C 230 -1.44 -2.24 -11.93
C SER C 230 -0.14 -1.53 -11.68
N LYS C 231 0.97 -2.21 -11.88
CA LYS C 231 2.27 -1.59 -11.65
C LYS C 231 3.09 -1.79 -12.89
N LEU C 232 3.41 -0.69 -13.58
CA LEU C 232 4.20 -0.78 -14.80
C LEU C 232 5.62 -0.36 -14.57
N SER C 233 6.53 -1.31 -14.84
CA SER C 233 7.99 -1.14 -14.68
C SER C 233 8.32 -1.16 -13.18
N SER D 1 -14.18 2.37 2.87
CA SER D 1 -13.06 2.69 1.95
C SER D 1 -13.54 2.75 0.51
N ASN D 2 -13.08 3.76 -0.21
CA ASN D 2 -13.40 3.89 -1.61
C ASN D 2 -12.21 4.64 -2.09
N ASP D 3 -11.13 3.89 -2.15
CA ASP D 3 -9.81 4.33 -2.45
C ASP D 3 -9.40 4.51 -3.88
N ILE D 4 -8.35 5.32 -4.04
CA ILE D 4 -7.77 5.63 -5.33
C ILE D 4 -6.34 6.01 -5.03
N TYR D 5 -5.49 5.69 -5.99
CA TYR D 5 -4.11 5.96 -5.86
C TYR D 5 -3.48 5.81 -7.21
N PHE D 6 -2.58 6.72 -7.53
CA PHE D 6 -1.85 6.63 -8.78
C PHE D 6 -0.54 7.32 -8.61
N ASN D 7 0.34 7.03 -9.52
CA ASN D 7 1.66 7.58 -9.42
C ASN D 7 2.34 7.60 -10.76
N PHE D 8 2.52 8.79 -11.31
CA PHE D 8 3.16 8.92 -12.59
C PHE D 8 4.57 9.40 -12.47
N GLN D 9 5.51 8.57 -12.90
CA GLN D 9 6.89 8.99 -12.89
C GLN D 9 7.24 9.52 -14.25
N ARG D 10 6.24 9.59 -15.12
CA ARG D 10 6.42 10.12 -16.46
C ARG D 10 5.02 10.28 -17.06
N PHE D 11 4.70 11.48 -17.54
CA PHE D 11 3.38 11.73 -18.07
C PHE D 11 3.10 11.30 -19.48
N ASN D 12 1.83 11.06 -19.78
CA ASN D 12 1.39 10.67 -21.11
C ASN D 12 0.02 11.31 -21.16
N GLU D 13 -0.33 11.86 -22.30
CA GLU D 13 -1.59 12.58 -22.44
C GLU D 13 -2.83 11.75 -22.51
N THR D 14 -2.71 10.43 -22.52
CA THR D 14 -3.93 9.64 -22.64
C THR D 14 -4.83 9.58 -21.42
N ASN D 15 -4.28 9.76 -20.22
CA ASN D 15 -5.10 9.73 -19.02
C ASN D 15 -5.14 11.08 -18.33
N LEU D 16 -4.98 12.12 -19.12
CA LEU D 16 -4.95 13.52 -18.66
C LEU D 16 -5.90 14.37 -19.46
N ILE D 17 -6.46 15.37 -18.80
CA ILE D 17 -7.32 16.34 -19.47
C ILE D 17 -6.43 17.60 -19.55
N LEU D 18 -6.07 18.02 -20.75
CA LEU D 18 -5.23 19.21 -20.91
C LEU D 18 -6.05 20.37 -21.41
N GLN D 19 -5.90 21.53 -20.78
CA GLN D 19 -6.61 22.74 -21.19
C GLN D 19 -5.65 23.85 -21.58
N ARG D 20 -5.96 24.52 -22.69
CA ARG D 20 -5.16 25.61 -23.24
C ARG D 20 -3.76 25.18 -23.57
N ASP D 21 -2.75 25.89 -23.04
CA ASP D 21 -1.35 25.60 -23.39
C ASP D 21 -0.67 24.36 -22.77
N ALA D 22 -1.39 23.65 -21.90
CA ALA D 22 -0.84 22.48 -21.24
C ALA D 22 -0.44 21.44 -22.28
N SER D 23 0.64 20.70 -22.04
CA SER D 23 1.06 19.69 -22.98
C SER D 23 2.04 18.72 -22.33
N VAL D 24 2.24 17.55 -22.92
CA VAL D 24 3.20 16.62 -22.35
C VAL D 24 4.33 16.52 -23.30
N SER D 25 5.54 16.75 -22.82
CA SER D 25 6.68 16.71 -23.72
C SER D 25 7.05 15.30 -24.14
N SER D 26 7.88 15.21 -25.14
CA SER D 26 8.37 13.95 -25.64
C SER D 26 9.11 13.20 -24.54
N SER D 27 9.53 13.92 -23.52
CA SER D 27 10.25 13.29 -22.40
C SER D 27 9.29 12.98 -21.23
N GLY D 28 8.00 13.14 -21.45
CA GLY D 28 7.03 12.84 -20.42
C GLY D 28 6.95 13.81 -19.28
N GLN D 29 7.07 15.10 -19.58
CA GLN D 29 6.98 16.09 -18.53
C GLN D 29 5.74 16.85 -18.79
N LEU D 30 4.99 17.11 -17.74
CA LEU D 30 3.79 17.88 -17.93
C LEU D 30 4.26 19.31 -17.98
N ARG D 31 4.04 19.99 -19.10
CA ARG D 31 4.44 21.40 -19.24
C ARG D 31 3.18 22.22 -19.28
N LEU D 32 2.91 22.91 -18.18
CA LEU D 32 1.68 23.67 -18.08
C LEU D 32 1.54 24.89 -18.95
N THR D 33 2.69 25.49 -19.28
CA THR D 33 2.74 26.69 -20.11
C THR D 33 3.71 26.64 -21.31
N ASN D 34 3.34 27.41 -22.33
CA ASN D 34 4.03 27.59 -23.62
C ASN D 34 5.44 28.16 -23.65
N LEU D 35 6.01 28.17 -24.86
CA LEU D 35 7.31 28.75 -25.20
C LEU D 35 7.17 29.41 -26.60
N ASN D 38 10.25 30.53 -28.94
CA ASN D 38 11.38 29.63 -29.35
C ASN D 38 12.27 29.33 -28.15
N GLY D 39 11.84 28.40 -27.30
CA GLY D 39 12.61 28.06 -26.11
C GLY D 39 12.43 29.02 -24.94
N GLU D 40 11.66 30.10 -25.14
CA GLU D 40 11.43 31.06 -24.07
C GLU D 40 9.97 31.01 -23.63
N PRO D 41 9.75 31.10 -22.33
CA PRO D 41 8.39 31.08 -21.84
C PRO D 41 7.53 32.10 -22.54
N ARG D 42 6.44 31.66 -23.14
CA ARG D 42 5.55 32.57 -23.81
C ARG D 42 4.84 33.45 -22.77
N VAL D 43 4.49 34.67 -23.18
CA VAL D 43 3.84 35.65 -22.31
C VAL D 43 2.36 35.42 -22.34
N GLY D 44 1.68 35.64 -21.23
CA GLY D 44 0.24 35.44 -21.18
C GLY D 44 -0.18 33.99 -21.40
N SER D 45 0.67 33.02 -21.03
CA SER D 45 0.35 31.60 -21.19
C SER D 45 -0.55 31.16 -20.02
N LEU D 46 -1.42 30.18 -20.30
CA LEU D 46 -2.37 29.59 -19.34
C LEU D 46 -2.52 28.11 -19.70
N GLY D 47 -2.19 27.23 -18.76
CA GLY D 47 -2.35 25.82 -19.02
C GLY D 47 -2.83 25.05 -17.79
N ARG D 48 -3.85 24.20 -17.95
CA ARG D 48 -4.36 23.37 -16.85
C ARG D 48 -4.33 21.88 -17.29
N ALA D 49 -4.15 20.98 -16.33
CA ALA D 49 -4.09 19.54 -16.62
C ALA D 49 -4.68 18.79 -15.46
N PHE D 50 -5.56 17.86 -15.74
CA PHE D 50 -6.18 17.07 -14.67
C PHE D 50 -6.12 15.60 -15.00
N TYR D 51 -6.25 14.78 -13.96
CA TYR D 51 -6.29 13.33 -14.12
C TYR D 51 -7.68 13.05 -14.66
N SER D 52 -7.79 12.18 -15.66
CA SER D 52 -9.07 11.89 -16.30
C SER D 52 -10.23 11.25 -15.52
N ALA D 53 -9.96 10.57 -14.43
CA ALA D 53 -11.10 10.04 -13.68
C ALA D 53 -11.43 10.97 -12.51
N PRO D 54 -12.69 11.37 -12.41
CA PRO D 54 -13.15 12.24 -11.35
C PRO D 54 -12.88 11.51 -10.06
N ILE D 55 -12.74 12.27 -8.98
CA ILE D 55 -12.43 11.72 -7.67
C ILE D 55 -13.55 12.14 -6.78
N GLN D 56 -13.98 11.25 -5.89
CA GLN D 56 -15.06 11.63 -5.01
C GLN D 56 -14.42 12.13 -3.75
N ILE D 57 -14.59 13.42 -3.51
CA ILE D 57 -13.96 14.02 -2.36
C ILE D 57 -14.80 13.91 -1.10
N TRP D 58 -16.12 13.87 -1.27
CA TRP D 58 -16.97 13.69 -0.09
C TRP D 58 -18.34 13.14 -0.48
N ASP D 59 -19.10 12.65 0.49
CA ASP D 59 -20.38 12.04 0.23
C ASP D 59 -21.49 12.67 1.03
N ASN D 60 -22.49 13.25 0.36
CA ASN D 60 -23.58 13.87 1.10
C ASN D 60 -24.47 12.88 1.81
N THR D 61 -24.60 11.68 1.29
CA THR D 61 -25.45 10.69 1.93
C THR D 61 -24.87 10.16 3.23
N THR D 62 -23.57 9.95 3.29
CA THR D 62 -22.93 9.45 4.48
C THR D 62 -22.38 10.60 5.32
N GLY D 63 -22.25 11.77 4.68
CA GLY D 63 -21.72 12.94 5.34
C GLY D 63 -20.19 12.84 5.58
N THR D 64 -19.53 11.93 4.89
CA THR D 64 -18.11 11.75 5.07
C THR D 64 -17.23 12.50 4.07
N VAL D 65 -15.99 12.76 4.47
CA VAL D 65 -15.04 13.46 3.62
C VAL D 65 -13.79 12.61 3.48
N ALA D 66 -13.13 12.69 2.33
CA ALA D 66 -11.95 11.88 2.10
C ALA D 66 -10.69 12.50 2.64
N SER D 67 -9.71 11.68 2.94
CA SER D 67 -8.45 12.22 3.34
C SER D 67 -7.71 12.02 2.07
N PHE D 68 -6.67 12.82 1.86
CA PHE D 68 -5.87 12.64 0.67
C PHE D 68 -4.49 13.16 0.87
N ALA D 69 -3.65 12.87 -0.10
CA ALA D 69 -2.28 13.30 -0.08
C ALA D 69 -1.85 13.26 -1.52
N THR D 70 -0.94 14.16 -1.88
CA THR D 70 -0.43 14.18 -3.24
C THR D 70 0.98 14.65 -3.12
N SER D 71 1.77 14.39 -4.13
CA SER D 71 3.12 14.86 -4.09
C SER D 71 3.53 15.02 -5.53
N PHE D 72 4.31 16.05 -5.81
CA PHE D 72 4.78 16.28 -7.16
C PHE D 72 6.07 17.04 -7.14
N THR D 73 6.75 17.01 -8.26
CA THR D 73 8.03 17.68 -8.40
C THR D 73 7.86 18.60 -9.54
N PHE D 74 8.03 19.88 -9.26
CA PHE D 74 7.93 20.85 -10.34
C PHE D 74 9.20 21.59 -10.48
N ASN D 75 9.36 22.21 -11.63
CA ASN D 75 10.55 22.97 -11.92
C ASN D 75 10.15 24.24 -12.65
N ILE D 76 10.39 25.40 -12.03
CA ILE D 76 10.10 26.70 -12.65
C ILE D 76 11.42 27.36 -13.02
N GLN D 77 11.57 27.73 -14.29
CA GLN D 77 12.81 28.34 -14.80
C GLN D 77 12.54 29.69 -15.40
N VAL D 78 13.22 30.73 -14.88
CA VAL D 78 13.05 32.06 -15.44
C VAL D 78 14.21 32.35 -16.41
N PRO D 79 13.88 32.89 -17.60
CA PRO D 79 14.97 33.17 -18.56
C PRO D 79 15.78 34.36 -18.09
N ASN D 80 17.02 34.44 -18.55
CA ASN D 80 17.89 35.55 -18.16
C ASN D 80 17.30 36.92 -18.45
N ASN D 81 17.48 37.84 -17.51
CA ASN D 81 16.98 39.21 -17.63
C ASN D 81 15.48 39.15 -17.88
N ALA D 82 14.82 38.56 -16.89
CA ALA D 82 13.36 38.38 -16.82
C ALA D 82 13.07 38.08 -15.37
N GLY D 83 11.80 38.22 -15.01
CA GLY D 83 11.36 37.89 -13.66
C GLY D 83 10.24 36.82 -13.61
N PRO D 84 10.17 36.08 -12.50
CA PRO D 84 9.17 35.04 -12.30
C PRO D 84 7.79 35.63 -12.37
N ALA D 85 6.90 34.90 -13.01
CA ALA D 85 5.52 35.29 -13.09
C ALA D 85 4.88 34.17 -13.89
N ASP D 86 3.66 33.76 -13.52
CA ASP D 86 2.87 34.33 -12.41
C ASP D 86 2.74 33.32 -11.24
N GLY D 87 2.88 32.04 -11.56
CA GLY D 87 2.78 31.01 -10.53
C GLY D 87 2.24 29.65 -10.99
N LEU D 88 2.12 28.71 -10.04
CA LEU D 88 1.69 27.34 -10.33
C LEU D 88 0.89 26.92 -9.15
N ALA D 89 -0.15 26.15 -9.43
CA ALA D 89 -1.03 25.69 -8.36
C ALA D 89 -1.58 24.29 -8.56
N PHE D 90 -1.69 23.53 -7.48
CA PHE D 90 -2.33 22.23 -7.51
C PHE D 90 -3.79 22.55 -7.08
N ALA D 91 -4.77 22.06 -7.84
CA ALA D 91 -6.15 22.38 -7.51
C ALA D 91 -7.16 21.21 -7.55
N LEU D 92 -8.23 21.38 -6.76
CA LEU D 92 -9.33 20.46 -6.70
C LEU D 92 -10.43 21.37 -7.26
N VAL D 93 -10.97 20.94 -8.37
CA VAL D 93 -11.94 21.70 -9.10
C VAL D 93 -13.18 20.88 -9.51
N PRO D 94 -14.32 21.56 -9.82
CA PRO D 94 -15.57 20.90 -10.25
C PRO D 94 -15.28 20.10 -11.53
N VAL D 95 -16.00 19.01 -11.76
CA VAL D 95 -15.69 18.16 -12.88
C VAL D 95 -15.54 18.71 -14.29
N GLY D 96 -16.49 19.46 -14.76
CA GLY D 96 -16.27 19.99 -16.11
C GLY D 96 -15.61 21.38 -16.15
N SER D 97 -15.06 21.80 -15.01
CA SER D 97 -14.46 23.11 -14.88
C SER D 97 -13.61 23.54 -16.07
N GLN D 98 -13.87 24.78 -16.49
CA GLN D 98 -13.12 25.40 -17.58
C GLN D 98 -12.18 26.47 -16.98
N PRO D 99 -11.11 26.84 -17.70
CA PRO D 99 -10.15 27.85 -17.22
C PRO D 99 -10.76 29.20 -16.88
N LYS D 100 -10.13 29.94 -15.96
CA LYS D 100 -10.57 31.28 -15.56
C LYS D 100 -9.55 32.35 -16.05
N ASP D 101 -9.28 33.38 -15.26
CA ASP D 101 -8.34 34.42 -15.70
C ASP D 101 -6.87 34.06 -15.76
N LYS D 102 -6.12 34.79 -16.59
CA LYS D 102 -4.68 34.57 -16.79
C LYS D 102 -3.86 35.28 -15.72
N GLY D 103 -2.55 35.23 -15.91
CA GLY D 103 -1.66 35.88 -14.95
C GLY D 103 -1.93 35.65 -13.46
N GLY D 104 -2.04 36.73 -12.71
CA GLY D 104 -2.28 36.64 -11.26
C GLY D 104 -3.41 35.76 -10.76
N PHE D 105 -4.35 35.43 -11.64
CA PHE D 105 -5.41 34.56 -11.26
C PHE D 105 -5.07 33.08 -11.40
N LEU D 106 -3.87 32.79 -11.86
CA LEU D 106 -3.38 31.44 -12.00
C LEU D 106 -4.27 30.50 -12.82
N GLY D 107 -5.25 31.05 -13.54
CA GLY D 107 -6.16 30.22 -14.33
C GLY D 107 -7.33 29.66 -13.52
N LEU D 108 -7.25 29.84 -12.22
CA LEU D 108 -8.25 29.32 -11.30
C LEU D 108 -9.33 30.30 -10.84
N PHE D 109 -9.03 31.59 -10.85
CA PHE D 109 -10.03 32.54 -10.35
C PHE D 109 -10.40 33.72 -11.25
N ASP D 110 -11.39 34.49 -10.81
CA ASP D 110 -11.96 35.58 -11.59
C ASP D 110 -11.89 36.98 -11.06
N GLY D 111 -12.02 37.12 -9.75
CA GLY D 111 -12.06 38.46 -9.20
C GLY D 111 -13.52 38.94 -9.31
N SER D 112 -14.39 38.05 -9.79
CA SER D 112 -15.82 38.33 -9.90
C SER D 112 -16.34 37.67 -8.65
N ASN D 113 -17.66 37.57 -8.50
CA ASN D 113 -18.06 36.94 -7.26
C ASN D 113 -18.71 35.58 -7.33
N SER D 114 -18.39 34.89 -8.39
CA SER D 114 -18.90 33.57 -8.60
C SER D 114 -18.22 32.64 -7.58
N ASN D 115 -18.99 31.68 -7.08
CA ASN D 115 -18.44 30.68 -6.18
C ASN D 115 -17.77 29.75 -7.19
N PHE D 116 -16.47 29.53 -7.06
CA PHE D 116 -15.76 28.68 -8.00
C PHE D 116 -15.66 27.25 -7.52
N HIS D 117 -16.07 27.01 -6.29
CA HIS D 117 -16.01 25.65 -5.73
C HIS D 117 -14.63 25.10 -6.00
N THR D 118 -13.62 25.92 -5.74
CA THR D 118 -12.27 25.53 -5.96
C THR D 118 -11.44 25.69 -4.71
N VAL D 119 -10.49 24.80 -4.56
CA VAL D 119 -9.59 24.83 -3.45
C VAL D 119 -8.27 24.53 -4.12
N ALA D 120 -7.24 25.30 -3.76
CA ALA D 120 -5.93 25.11 -4.38
C ALA D 120 -4.83 25.53 -3.45
N VAL D 121 -3.63 25.07 -3.77
CA VAL D 121 -2.45 25.44 -3.00
C VAL D 121 -1.56 26.06 -4.05
N GLU D 122 -1.30 27.36 -3.91
CA GLU D 122 -0.50 28.08 -4.91
C GLU D 122 0.94 28.29 -4.53
N PHE D 123 1.75 28.39 -5.56
CA PHE D 123 3.16 28.66 -5.45
C PHE D 123 3.25 29.94 -6.29
N ASP D 124 3.00 31.06 -5.60
CA ASP D 124 2.99 32.40 -6.19
C ASP D 124 4.36 33.07 -6.36
N THR D 125 4.75 33.36 -7.60
CA THR D 125 6.04 33.94 -7.87
C THR D 125 6.01 35.42 -8.16
N LEU D 126 4.84 36.03 -8.02
CA LEU D 126 4.72 37.44 -8.32
C LEU D 126 3.73 38.15 -7.44
N TYR D 127 4.16 39.27 -6.86
CA TYR D 127 3.36 40.10 -5.97
C TYR D 127 2.26 40.83 -6.73
N ASN D 128 1.04 40.76 -6.22
CA ASN D 128 -0.07 41.45 -6.84
C ASN D 128 -0.56 42.33 -5.73
N LYS D 129 -0.20 43.60 -5.83
CA LYS D 129 -0.54 44.63 -4.85
C LYS D 129 -1.88 44.43 -4.12
N ASP D 130 -2.93 44.15 -4.90
CA ASP D 130 -4.31 44.01 -4.39
C ASP D 130 -4.64 42.93 -3.37
N TRP D 131 -3.88 41.84 -3.31
CA TRP D 131 -4.20 40.76 -2.37
C TRP D 131 -3.01 39.93 -1.90
N ASP D 132 -1.93 39.99 -2.64
CA ASP D 132 -0.76 39.21 -2.27
C ASP D 132 0.07 39.81 -1.19
N PRO D 133 0.78 38.97 -0.48
CA PRO D 133 1.66 39.43 0.57
C PRO D 133 2.86 39.90 -0.24
N THR D 134 3.77 40.59 0.43
CA THR D 134 4.93 41.14 -0.23
C THR D 134 5.90 40.14 -0.82
N GLU D 135 6.08 39.03 -0.15
CA GLU D 135 7.02 38.08 -0.64
C GLU D 135 6.42 36.88 -1.33
N ARG D 136 7.23 36.24 -2.19
CA ARG D 136 6.83 35.03 -2.88
C ARG D 136 6.40 34.04 -1.78
N HIS D 137 5.23 33.47 -1.98
CA HIS D 137 4.66 32.61 -1.00
C HIS D 137 4.04 31.31 -1.52
N ILE D 138 3.76 30.42 -0.56
CA ILE D 138 3.03 29.18 -0.79
C ILE D 138 1.74 29.60 -0.12
N GLY D 139 0.62 29.37 -0.76
CA GLY D 139 -0.62 29.77 -0.12
C GLY D 139 -1.78 28.83 -0.34
N ILE D 140 -2.68 28.77 0.65
CA ILE D 140 -3.86 27.93 0.57
C ILE D 140 -5.03 28.78 0.13
N ASP D 141 -5.54 28.55 -1.07
CA ASP D 141 -6.67 29.32 -1.59
C ASP D 141 -7.96 28.57 -1.52
N VAL D 142 -8.97 29.20 -0.97
CA VAL D 142 -10.27 28.55 -0.87
C VAL D 142 -11.31 29.45 -1.51
N ASN D 143 -11.57 29.23 -2.79
CA ASN D 143 -12.56 30.01 -3.52
C ASN D 143 -12.14 31.43 -3.89
N SER D 144 -10.90 31.79 -3.59
CA SER D 144 -10.41 33.14 -3.86
C SER D 144 -8.89 33.16 -4.06
N ILE D 145 -8.41 34.00 -4.98
CA ILE D 145 -6.97 34.14 -5.27
C ILE D 145 -6.27 34.80 -4.08
N ARG D 146 -7.08 35.24 -3.12
CA ARG D 146 -6.59 35.79 -1.88
C ARG D 146 -6.42 34.67 -0.86
N SER D 147 -5.23 34.09 -0.83
CA SER D 147 -4.95 32.99 0.10
C SER D 147 -5.47 33.20 1.52
N ILE D 148 -6.07 32.16 2.03
CA ILE D 148 -6.62 32.13 3.36
C ILE D 148 -5.49 32.14 4.40
N LYS D 149 -4.29 31.81 3.94
CA LYS D 149 -3.11 31.77 4.78
C LYS D 149 -1.95 31.52 3.86
N THR D 150 -0.74 31.90 4.28
CA THR D 150 0.45 31.74 3.44
C THR D 150 1.73 31.61 4.27
N THR D 151 2.84 31.44 3.56
CA THR D 151 4.12 31.35 4.18
C THR D 151 5.19 31.80 3.18
N ARG D 152 6.24 32.44 3.69
CA ARG D 152 7.32 32.90 2.84
C ARG D 152 7.96 31.69 2.17
N TRP D 153 8.19 31.86 0.89
CA TRP D 153 8.79 30.84 0.09
C TRP D 153 9.97 31.49 -0.60
N ASP D 154 11.13 30.90 -0.45
CA ASP D 154 12.31 31.42 -1.10
C ASP D 154 12.55 30.78 -2.43
N PHE D 155 11.87 31.32 -3.43
CA PHE D 155 11.98 30.81 -4.78
C PHE D 155 13.45 30.68 -5.26
N VAL D 156 13.84 29.49 -5.68
CA VAL D 156 15.16 29.29 -6.23
C VAL D 156 14.86 28.91 -7.68
N ASN D 157 15.48 29.62 -8.60
CA ASN D 157 15.23 29.41 -10.01
C ASN D 157 15.89 28.19 -10.58
N GLY D 158 15.10 27.43 -11.34
CA GLY D 158 15.58 26.26 -12.05
C GLY D 158 15.91 25.05 -11.22
N GLU D 159 15.70 25.14 -9.93
CA GLU D 159 15.93 24.00 -9.06
C GLU D 159 14.62 23.25 -8.92
N ASN D 160 14.69 21.91 -8.83
CA ASN D 160 13.48 21.07 -8.66
C ASN D 160 12.97 21.20 -7.24
N ALA D 161 11.67 21.48 -7.12
CA ALA D 161 10.96 21.63 -5.85
C ALA D 161 10.14 20.38 -5.61
N GLU D 162 10.16 19.88 -4.39
CA GLU D 162 9.40 18.68 -4.04
C GLU D 162 8.29 19.05 -3.08
N VAL D 163 7.07 19.05 -3.59
CA VAL D 163 5.88 19.37 -2.82
C VAL D 163 5.15 18.17 -2.18
N LEU D 164 4.51 18.38 -1.04
CA LEU D 164 3.75 17.35 -0.38
C LEU D 164 2.58 18.04 0.30
N ILE D 165 1.39 17.74 -0.22
CA ILE D 165 0.18 18.30 0.31
C ILE D 165 -0.66 17.18 0.92
N THR D 166 -1.27 17.42 2.09
CA THR D 166 -2.09 16.41 2.72
C THR D 166 -3.29 17.01 3.41
N TYR D 167 -4.42 16.29 3.35
CA TYR D 167 -5.64 16.70 3.99
C TYR D 167 -6.12 15.55 4.83
N ASP D 168 -6.45 15.84 6.08
CA ASP D 168 -6.92 14.87 7.05
C ASP D 168 -8.36 15.21 7.41
N SER D 169 -9.29 14.32 7.01
CA SER D 169 -10.72 14.43 7.23
C SER D 169 -11.13 14.72 8.67
N SER D 170 -10.51 14.04 9.63
CA SER D 170 -10.88 14.22 11.02
C SER D 170 -10.64 15.61 11.55
N THR D 171 -9.41 16.08 11.37
CA THR D 171 -8.97 17.40 11.83
C THR D 171 -9.19 18.49 10.83
N ASN D 172 -9.59 18.15 9.61
CA ASN D 172 -9.81 19.14 8.54
C ASN D 172 -8.54 19.92 8.22
N LEU D 173 -7.41 19.37 8.62
CA LEU D 173 -6.17 20.05 8.41
C LEU D 173 -5.56 19.88 7.05
N LEU D 174 -5.32 21.01 6.37
CA LEU D 174 -4.67 20.96 5.07
C LEU D 174 -3.25 21.43 5.34
N VAL D 175 -2.27 20.65 4.90
CA VAL D 175 -0.86 20.96 5.13
C VAL D 175 0.04 20.84 3.90
N ALA D 176 0.60 21.97 3.46
CA ALA D 176 1.47 21.98 2.28
C ALA D 176 2.90 22.23 2.68
N SER D 177 3.84 21.51 2.08
CA SER D 177 5.26 21.68 2.38
C SER D 177 6.04 21.63 1.09
N LEU D 178 7.23 22.24 1.06
CA LEU D 178 8.06 22.27 -0.15
C LEU D 178 9.50 22.19 0.27
N VAL D 179 10.34 21.51 -0.50
CA VAL D 179 11.75 21.45 -0.14
C VAL D 179 12.60 21.40 -1.36
N TYR D 180 13.75 22.04 -1.30
CA TYR D 180 14.66 22.05 -2.45
C TYR D 180 15.74 21.14 -2.00
N PRO D 181 15.73 19.92 -2.49
CA PRO D 181 16.76 18.95 -2.10
C PRO D 181 18.17 19.48 -2.32
N SER D 182 18.34 20.27 -3.37
CA SER D 182 19.62 20.87 -3.74
C SER D 182 20.09 21.92 -2.72
N GLN D 183 19.18 22.78 -2.27
CA GLN D 183 19.49 23.81 -1.31
C GLN D 183 19.28 23.35 0.13
N LYS D 184 18.55 22.25 0.30
CA LYS D 184 18.21 21.73 1.61
C LYS D 184 17.32 22.70 2.37
N THR D 185 16.54 23.49 1.65
CA THR D 185 15.61 24.40 2.32
C THR D 185 14.22 23.73 2.34
N SER D 186 13.34 24.25 3.16
CA SER D 186 12.04 23.70 3.31
C SER D 186 11.08 24.74 3.85
N PHE D 187 9.82 24.65 3.45
CA PHE D 187 8.78 25.58 3.88
C PHE D 187 7.50 24.80 4.13
N ILE D 188 6.70 25.22 5.10
CA ILE D 188 5.48 24.50 5.35
C ILE D 188 4.33 25.46 5.69
N VAL D 189 3.09 25.08 5.42
CA VAL D 189 1.94 25.94 5.72
C VAL D 189 0.87 24.98 6.09
N SER D 190 -0.04 25.38 6.96
CA SER D 190 -1.13 24.50 7.37
C SER D 190 -2.28 25.28 7.91
N ASP D 191 -3.48 24.95 7.47
CA ASP D 191 -4.64 25.64 7.98
C ASP D 191 -5.79 24.65 7.85
N THR D 192 -6.89 24.93 8.52
CA THR D 192 -8.04 24.05 8.44
C THR D 192 -8.96 24.49 7.33
N VAL D 193 -9.35 23.53 6.51
CA VAL D 193 -10.26 23.83 5.43
C VAL D 193 -11.40 22.81 5.53
N ASP D 194 -12.64 23.23 5.27
CA ASP D 194 -13.74 22.29 5.31
C ASP D 194 -14.15 22.00 3.90
N LEU D 195 -13.64 20.90 3.38
CA LEU D 195 -13.95 20.56 2.00
C LEU D 195 -15.44 20.51 1.66
N LYS D 196 -16.25 19.97 2.56
CA LYS D 196 -17.70 19.87 2.34
C LYS D 196 -18.34 21.20 2.07
N SER D 197 -17.84 22.24 2.72
CA SER D 197 -18.43 23.55 2.55
C SER D 197 -18.22 24.16 1.21
N VAL D 198 -17.06 23.97 0.63
CA VAL D 198 -16.78 24.60 -0.65
C VAL D 198 -16.78 23.71 -1.87
N LEU D 199 -16.40 22.46 -1.68
CA LEU D 199 -16.30 21.56 -2.81
C LEU D 199 -17.49 20.66 -3.09
N PRO D 200 -17.66 20.28 -4.35
CA PRO D 200 -18.75 19.39 -4.74
C PRO D 200 -18.23 17.96 -4.37
N GLU D 201 -19.12 16.98 -4.25
CA GLU D 201 -18.72 15.62 -3.89
C GLU D 201 -17.67 15.03 -4.80
N TRP D 202 -17.77 15.35 -6.08
CA TRP D 202 -16.85 14.85 -7.10
C TRP D 202 -16.11 16.02 -7.75
N VAL D 203 -14.81 15.84 -7.89
CA VAL D 203 -13.96 16.87 -8.44
C VAL D 203 -12.91 16.26 -9.32
N SER D 204 -12.42 17.05 -10.28
CA SER D 204 -11.32 16.65 -11.15
C SER D 204 -10.12 17.16 -10.33
N VAL D 205 -8.96 16.57 -10.53
CA VAL D 205 -7.80 16.92 -9.72
C VAL D 205 -6.54 17.21 -10.58
N GLY D 206 -5.79 18.24 -10.21
CA GLY D 206 -4.63 18.53 -11.03
C GLY D 206 -3.86 19.84 -10.81
N PHE D 207 -3.44 20.45 -11.91
CA PHE D 207 -2.64 21.64 -11.88
C PHE D 207 -3.10 22.77 -12.78
N SER D 208 -2.75 23.99 -12.38
CA SER D 208 -3.04 25.17 -13.18
C SER D 208 -1.84 26.12 -13.09
N ALA D 209 -1.53 26.86 -14.15
CA ALA D 209 -0.36 27.76 -14.14
C ALA D 209 -0.49 28.77 -15.22
N THR D 210 0.11 29.94 -14.98
CA THR D 210 0.07 31.07 -15.92
C THR D 210 1.42 31.78 -15.97
N THR D 211 1.70 32.54 -17.04
CA THR D 211 2.91 33.34 -17.06
C THR D 211 2.38 34.78 -17.01
N GLY D 212 3.28 35.67 -16.65
CA GLY D 212 2.93 37.08 -16.52
C GLY D 212 2.38 37.58 -17.82
N ILE D 213 1.52 38.57 -17.70
CA ILE D 213 0.93 39.12 -18.90
C ILE D 213 1.76 40.24 -19.56
N ASN D 214 2.89 40.56 -18.95
CA ASN D 214 3.74 41.62 -19.48
C ASN D 214 5.13 41.13 -19.74
N LYS D 215 5.60 41.46 -20.91
CA LYS D 215 6.91 41.10 -21.36
C LYS D 215 7.97 40.43 -20.49
N GLY D 216 8.44 41.16 -19.48
CA GLY D 216 9.53 40.63 -18.69
C GLY D 216 9.24 39.69 -17.58
N ASN D 217 7.97 39.34 -17.42
CA ASN D 217 7.54 38.42 -16.38
C ASN D 217 7.06 37.08 -16.94
N VAL D 218 7.97 36.12 -16.99
CA VAL D 218 7.61 34.81 -17.50
C VAL D 218 8.49 33.79 -16.85
N GLU D 219 7.99 32.55 -16.78
CA GLU D 219 8.73 31.42 -16.20
C GLU D 219 8.15 30.20 -16.88
N THR D 220 8.85 29.07 -16.78
CA THR D 220 8.30 27.83 -17.31
C THR D 220 7.61 27.18 -16.08
N ASN D 221 6.57 26.38 -16.31
CA ASN D 221 5.87 25.72 -15.22
C ASN D 221 5.75 24.24 -15.55
N ASP D 222 6.74 23.47 -15.13
CA ASP D 222 6.76 22.06 -15.42
C ASP D 222 6.65 21.13 -14.24
N VAL D 223 5.83 20.09 -14.40
CA VAL D 223 5.68 19.06 -13.37
C VAL D 223 6.36 17.84 -13.97
N LEU D 224 7.19 17.22 -13.14
CA LEU D 224 7.97 16.10 -13.57
C LEU D 224 7.50 14.73 -13.11
N SER D 225 6.67 14.72 -12.06
CA SER D 225 6.14 13.51 -11.50
C SER D 225 5.03 13.90 -10.55
N TRP D 226 4.07 13.00 -10.35
CA TRP D 226 2.90 13.27 -9.52
C TRP D 226 2.34 11.98 -8.99
N SER D 227 1.75 12.06 -7.83
CA SER D 227 1.18 10.90 -7.21
C SER D 227 0.07 11.38 -6.31
N PHE D 228 -1.10 10.81 -6.49
CA PHE D 228 -2.23 11.22 -5.67
C PHE D 228 -2.80 10.01 -4.96
N ALA D 229 -3.50 10.25 -3.85
CA ALA D 229 -4.10 9.16 -3.08
C ALA D 229 -5.24 9.67 -2.26
N SER D 230 -6.38 9.02 -2.35
CA SER D 230 -7.51 9.50 -1.59
C SER D 230 -8.25 8.32 -1.01
N LYS D 231 -8.65 8.44 0.24
CA LYS D 231 -9.39 7.37 0.89
C LYS D 231 -10.68 7.90 1.44
N LEU D 232 -11.81 7.47 0.87
CA LEU D 232 -13.11 7.94 1.35
C LEU D 232 -13.78 6.93 2.22
N SER D 233 -14.05 7.35 3.46
CA SER D 233 -14.70 6.53 4.47
C SER D 233 -13.67 5.50 4.96
C1 NAG E . 22.93 -10.81 6.80
C2 NAG E . 23.87 -11.49 5.82
C3 NAG E . 25.24 -11.61 6.45
C4 NAG E . 25.74 -10.29 6.96
C5 NAG E . 24.67 -9.63 7.86
C6 NAG E . 25.01 -8.22 8.31
C7 NAG E . 23.12 -13.23 4.29
C8 NAG E . 22.61 -14.66 4.12
N2 NAG E . 23.35 -12.82 5.53
O3 NAG E . 26.16 -12.11 5.51
O4 NAG E . 26.93 -10.54 7.71
O5 NAG E . 23.45 -9.53 7.15
O6 NAG E . 26.13 -8.23 9.19
O7 NAG E . 23.30 -12.55 3.28
MN MN F . -1.34 -34.35 5.21
CA CA G . 2.46 -36.65 5.18
C1 NAG H . -1.00 -6.66 25.52
C2 NAG H . -1.72 -6.03 26.72
C3 NAG H . -1.63 -7.00 27.91
C4 NAG H . -2.09 -8.40 27.60
C5 NAG H . -1.39 -8.89 26.30
C6 NAG H . -1.92 -10.21 25.77
C7 NAG H . -1.74 -3.64 27.20
C8 NAG H . -0.94 -2.44 27.64
N2 NAG H . -1.08 -4.79 27.11
O3 NAG H . -2.40 -6.51 28.99
O4 NAG H . -1.78 -9.24 28.72
O5 NAG H . -1.58 -7.94 25.25
O6 NAG H . -1.63 -11.29 26.65
O7 NAG H . -2.93 -3.52 26.95
MN MN I . 19.02 20.32 20.84
CA CA J . 18.22 20.23 25.32
C1 NAG K . -23.37 9.34 -7.52
C2 NAG K . -24.74 8.88 -7.07
C3 NAG K . -25.74 10.01 -7.27
C4 NAG K . -25.29 11.29 -6.60
C5 NAG K . -23.85 11.62 -7.05
C6 NAG K . -23.23 12.80 -6.34
C7 NAG K . -25.53 6.59 -7.30
C8 NAG K . -25.97 5.50 -8.26
N2 NAG K . -25.17 7.75 -7.86
O3 NAG K . -26.98 9.63 -6.71
O4 NAG K . -26.18 12.33 -6.98
O5 NAG K . -23.00 10.50 -6.78
O6 NAG K . -23.88 14.02 -6.72
O7 NAG K . -25.53 6.37 -6.10
MN MN L . -16.99 -20.62 -22.39
CA CA M . -21.27 -19.80 -23.51
C1 NAG N . 1.89 8.13 -24.84
C2 NAG N . 3.21 8.59 -25.41
C3 NAG N . 3.24 8.30 -26.89
C4 NAG N . 2.91 6.86 -27.21
C5 NAG N . 1.61 6.45 -26.48
C6 NAG N . 1.30 4.97 -26.54
C7 NAG N . 4.37 10.57 -24.59
C8 NAG N . 4.37 12.08 -24.47
N2 NAG N . 3.32 10.02 -25.20
O3 NAG N . 4.53 8.60 -27.39
O4 NAG N . 2.76 6.74 -28.62
O5 NAG N . 1.73 6.76 -25.10
O6 NAG N . 0.95 4.59 -27.86
O7 NAG N . 5.32 9.93 -24.17
MN MN O . -1.03 34.72 -3.91
CA CA P . 0.41 36.45 -7.37
#